data_7XSU
#
_entry.id   7XSU
#
_cell.length_a   1.00
_cell.length_b   1.00
_cell.length_c   1.00
_cell.angle_alpha   90.00
_cell.angle_beta   90.00
_cell.angle_gamma   90.00
#
_symmetry.space_group_name_H-M   'P 1'
#
loop_
_entity.id
_entity.type
_entity.pdbx_description
1 polymer 'Sodium channel protein type 5 subunit alpha,G protein/GFP fusion protein'
2 polymer 'Alpha-like toxin Lqh3'
3 non-polymer 2-acetamido-2-deoxy-beta-D-glucopyranose
4 non-polymer beta-D-mannopyranose
5 non-polymer '[(2~{R})-1-[2-azanylethoxy(oxidanyl)phosphoryl]oxy-3-hexadecanoyloxy-propan-2-yl] (~{Z})-octadec-9-enoate'
6 non-polymer (3beta,14beta,17beta,25R)-3-[4-methoxy-3-(methoxymethyl)butoxy]spirost-5-en
#
loop_
_entity_poly.entity_id
_entity_poly.type
_entity_poly.pdbx_seq_one_letter_code
_entity_poly.pdbx_strand_id
1 'polypeptide(L)'
;MANLLLPRGTSSFRRFTRESLAAIEKRMAEKQARGGSATSQESREGLQEEEAPRPQLDLQASKKLPDLYGNPPRELIGEP
LEDLDPFYSTQKTFIVLNKGKTIFRFSATNALYVLSPFHPVRRAAVKILVHSLFSMLIMCTILTNCVFMAQHDPPPWTKY
VEYTFTAIYTFESLVKILARGFCLHAFTFLRDPWNWLDFSVIVMAYTTEFVDLGNVSALRTFRVLRALKTISVISGLKTI
VGALIQSVKKLADVMVLTVFCLSVFALIGLQLFMGNLRHKCVRNFTELNGTNGSVEADGLVWNSLDVYLNDPANYLLKNG
TTDVLLCGNSSDAGTCPEGYRCLKAGENPDHGYTSFDSFAWAFLALFRLMTQDCWERLYQQTLRSAGKIYMIFFMLVIFL
GSFYLVNLILAVVAMAYEEQNQATIAETEEKEKRFQEAMEMLKKEHEALTIRGVDTVSRSSARQRALSAVSVLTSALEEL
EESHRKCPPCWNRFAQHYLIWECCPLWMSIKQKVKFVVMDPFADLTITMCIVLNTLFMALEHYNMTAEFEEMLQVGNLVF
TGIFTAEMTFKIIALDPYYYFQQGWNIFDSIIVILSLMELGLSRMGNLSVLRSFRLLRVFKLAKSWPTLNTLIKIIGNSV
GALGNLTLVLAIIVFIFAVVGMQLFGKNYSELRHRISDSGLLPRWHMMDFFHAFLIIFRILCGEWIETMWDCMEVSGQSL
CLLVFLLVMVIGNLVVLNLFLALLLSSFSADNLTAPDEDGEMNNLQLALARIQRGLRFVKRTTWDFCCGILRRRPKKPAA
LATHSQLPSCITAPRSPPPPEVEKVPPARKETRFEEDKRPGQGTPGDSEPVCVPIAVAESDTEDQEEDEENGKVWWRLRK
TCYRIVEHSWFETFIIFMILLSSGALAFEDIYLEERKTIKVLLEYADKMFTYVFVLEMLLKWVAYGFKKYFTNAWCWLDF
LIVDVSLVSLVANTLGFAEMGPIKSLRTLRALRPLRALSRFEGMRVVVNALVGAIPSIMNVLLVCLIFWLIFSIMGVNLF
AGKFGRCINQTEGDLPLNYTIVNNKSECESFNVTGELYWTKVKVNFDNVGAGYLALLQVATFKGWMDIMYAAVDSRGYEE
QPQWEDNLYMYIYFVVFIIFGSFFTLNLFIGVIIDNFNQQKKKLGGQDIFMTEEQKKYYNAMKKLGSKKPQKPIPRPLNK
YQGFIFDIVTKQAFDVTIMFLICLNMVTMMVETDDQSPEKVNILAKINLLFVAIFTGECIVKMAALRHYYFTNSWNIFDF
VVVILSIVGTVLSDIIQKYFFSPTLFRVIRLARIGRILRLIRGAKGIRTLLFALMMSLPALFNIGLLLFLVMFIYSIFGM
ANFAYVKWEAGIDDMFNFQTFANSMLCLFQITTSAGWDGLLSPILNTGPPYCDPNLPNSNGSRGNCGSPAVGILFFTTYI
IISFLIVVNMYIAIILENFSVATEESTEPLSEDDFDMFYEIWEKFDPEATQFIEYLALSDFADALSEPLRIAKPNQISLI
NMDLPMVSGDRIHCMDILFAFTKRVLGESGEMDALKIQMEEKFMAANPSKISYEPITTTLEVLFQGPGSMVSKGEELFTG
VVPILVELDGDVNGHKFSVSGEGEGDATYGKLTLKFICTTGKLPVPWPTLVTTLTYGVQCFSRYPDHMKQHDFFKSAMPE
GYVQERTIFFKDDGNYKTRAEVKFEGDTLVNRIELKGIDFKEDGNILGHKLEYNYNSHNVYIMADKQKNGIKVNFKIRHN
IEDGSVQLADHYQQNTPIGDGPVLLPDNHYLSTQSALSKDPNEKRDHMVLLEFVTAAGITLGMDELYKGSDYKDDDDK
;
A
2 'polypeptide(L)' VRDGYIAQPENCVYHCFPGSSGCDTLCKEKGGTSGHCGFKVGHGLACWCNALPDNVGIIVEGEKCHS B
#
# COMPACT_ATOMS: atom_id res chain seq x y z
N VAL A 121 -46.13 26.18 -32.15
CA VAL A 121 -45.55 25.10 -32.93
C VAL A 121 -44.07 24.94 -32.64
N ARG A 122 -43.30 24.59 -33.67
CA ARG A 122 -41.85 24.45 -33.54
C ARG A 122 -41.25 25.68 -32.88
N ARG A 123 -41.71 26.87 -33.30
CA ARG A 123 -41.27 28.10 -32.66
C ARG A 123 -41.58 28.09 -31.17
N ALA A 124 -42.79 27.66 -30.80
CA ALA A 124 -43.18 27.68 -29.40
C ALA A 124 -42.36 26.70 -28.58
N ALA A 125 -42.08 25.52 -29.16
CA ALA A 125 -41.26 24.54 -28.45
C ALA A 125 -39.85 25.08 -28.21
N VAL A 126 -39.27 25.72 -29.23
CA VAL A 126 -37.95 26.32 -29.04
C VAL A 126 -38.00 27.40 -27.96
N LYS A 127 -39.03 28.23 -28.00
CA LYS A 127 -39.16 29.29 -27.01
C LYS A 127 -39.30 28.75 -25.60
N ILE A 128 -39.97 27.61 -25.43
CA ILE A 128 -40.20 27.07 -24.11
C ILE A 128 -39.06 26.18 -23.63
N LEU A 129 -38.23 25.66 -24.53
CA LEU A 129 -37.16 24.77 -24.09
C LEU A 129 -35.99 25.53 -23.49
N VAL A 130 -35.53 26.58 -24.16
CA VAL A 130 -34.38 27.33 -23.68
C VAL A 130 -34.73 28.20 -22.48
N HIS A 131 -36.00 28.29 -22.13
CA HIS A 131 -36.42 29.00 -20.93
C HIS A 131 -35.71 28.41 -19.72
N SER A 132 -35.42 29.25 -18.73
CA SER A 132 -34.62 28.82 -17.60
C SER A 132 -35.41 28.18 -16.48
N LEU A 133 -36.71 28.01 -16.67
CA LEU A 133 -37.49 27.26 -15.70
C LEU A 133 -37.19 25.81 -16.04
N PHE A 134 -36.86 25.53 -17.31
CA PHE A 134 -36.53 24.19 -17.74
C PHE A 134 -35.30 23.61 -17.07
N SER A 135 -34.19 24.34 -17.05
CA SER A 135 -33.00 23.78 -16.43
C SER A 135 -33.28 23.43 -14.98
N MET A 136 -33.93 24.33 -14.24
CA MET A 136 -34.24 24.03 -12.86
C MET A 136 -35.28 22.92 -12.75
N LEU A 137 -36.17 22.81 -13.72
CA LEU A 137 -37.19 21.76 -13.70
C LEU A 137 -36.53 20.40 -13.87
N ILE A 138 -35.79 20.23 -14.95
CA ILE A 138 -35.14 18.95 -15.21
C ILE A 138 -34.14 18.61 -14.13
N MET A 139 -33.38 19.61 -13.68
CA MET A 139 -32.40 19.36 -12.63
C MET A 139 -33.10 18.90 -11.37
N CYS A 140 -34.22 19.53 -11.05
CA CYS A 140 -34.98 19.10 -9.89
C CYS A 140 -35.47 17.68 -10.10
N THR A 141 -35.91 17.37 -11.30
CA THR A 141 -36.43 16.04 -11.58
C THR A 141 -35.35 14.99 -11.38
N ILE A 142 -34.15 15.25 -11.88
CA ILE A 142 -33.06 14.31 -11.68
C ILE A 142 -32.75 14.21 -10.20
N LEU A 143 -32.74 15.35 -9.51
CA LEU A 143 -32.42 15.34 -8.09
C LEU A 143 -33.41 14.57 -7.23
N THR A 144 -34.70 14.73 -7.46
CA THR A 144 -35.65 13.92 -6.70
C THR A 144 -35.49 12.46 -7.09
N ASN A 145 -35.23 12.20 -8.37
CA ASN A 145 -35.00 10.84 -8.80
C ASN A 145 -33.81 10.27 -8.03
N CYS A 146 -32.74 11.04 -7.84
CA CYS A 146 -31.62 10.56 -7.06
C CYS A 146 -32.12 10.02 -5.74
N VAL A 147 -32.85 10.85 -5.01
CA VAL A 147 -33.28 10.46 -3.66
C VAL A 147 -34.20 9.26 -3.69
N PHE A 148 -34.93 9.06 -4.78
CA PHE A 148 -35.79 7.89 -4.83
C PHE A 148 -35.05 6.64 -5.31
N MET A 149 -34.13 6.82 -6.25
CA MET A 149 -33.34 5.72 -6.76
C MET A 149 -32.44 5.14 -5.67
N ALA A 150 -31.85 6.00 -4.85
CA ALA A 150 -30.97 5.55 -3.79
C ALA A 150 -31.67 4.63 -2.80
N GLN A 151 -32.98 4.64 -2.77
CA GLN A 151 -33.69 3.78 -1.83
C GLN A 151 -33.60 2.33 -2.26
N HIS A 152 -33.44 1.45 -1.29
CA HIS A 152 -33.42 0.01 -1.55
C HIS A 152 -34.76 -0.59 -1.15
N ASP A 153 -35.40 -1.27 -2.08
CA ASP A 153 -36.73 -1.84 -1.91
C ASP A 153 -37.69 -0.78 -1.38
N PRO A 154 -38.03 0.23 -2.18
CA PRO A 154 -38.95 1.26 -1.71
C PRO A 154 -40.34 0.68 -1.55
N PRO A 155 -41.08 1.13 -0.54
CA PRO A 155 -42.48 0.72 -0.42
C PRO A 155 -43.28 1.16 -1.63
N PRO A 156 -44.14 0.28 -2.17
CA PRO A 156 -44.90 0.61 -3.39
C PRO A 156 -45.64 1.93 -3.32
N TRP A 157 -45.97 2.37 -2.11
CA TRP A 157 -46.84 3.54 -1.93
C TRP A 157 -46.30 4.76 -2.67
N THR A 158 -45.26 5.37 -2.15
CA THR A 158 -44.69 6.52 -2.83
C THR A 158 -43.95 6.11 -4.09
N LYS A 159 -43.69 4.81 -4.24
CA LYS A 159 -42.68 4.36 -5.19
C LYS A 159 -43.09 4.61 -6.63
N TYR A 160 -44.37 4.41 -6.95
CA TYR A 160 -44.76 4.37 -8.36
C TYR A 160 -44.78 5.76 -8.99
N VAL A 161 -44.16 6.74 -8.33
CA VAL A 161 -43.79 8.00 -8.96
C VAL A 161 -42.89 7.76 -10.17
N GLU A 162 -42.34 6.55 -10.28
CA GLU A 162 -41.35 6.25 -11.31
C GLU A 162 -41.84 6.61 -12.70
N TYR A 163 -43.07 6.22 -13.04
CA TYR A 163 -43.54 6.52 -14.40
C TYR A 163 -43.92 7.98 -14.54
N THR A 164 -44.16 8.68 -13.43
CA THR A 164 -44.26 10.14 -13.53
C THR A 164 -42.93 10.74 -13.93
N PHE A 165 -41.84 10.21 -13.37
CA PHE A 165 -40.53 10.61 -13.83
C PHE A 165 -40.35 10.27 -15.31
N THR A 166 -40.83 9.10 -15.71
CA THR A 166 -40.81 8.75 -17.12
C THR A 166 -41.52 9.81 -17.93
N ALA A 167 -42.64 10.32 -17.40
CA ALA A 167 -43.37 11.37 -18.09
C ALA A 167 -42.53 12.62 -18.25
N ILE A 168 -41.88 13.06 -17.18
CA ILE A 168 -41.11 14.29 -17.25
C ILE A 168 -39.97 14.14 -18.24
N TYR A 169 -39.32 12.97 -18.24
CA TYR A 169 -38.20 12.75 -19.15
C TYR A 169 -38.72 12.59 -20.56
N THR A 170 -39.81 11.86 -20.73
CA THR A 170 -40.39 11.74 -22.07
C THR A 170 -40.84 13.08 -22.55
N PHE A 171 -41.43 13.88 -21.67
CA PHE A 171 -41.90 15.20 -22.07
C PHE A 171 -40.71 16.02 -22.53
N GLU A 172 -39.60 15.94 -21.80
CA GLU A 172 -38.43 16.71 -22.16
C GLU A 172 -37.90 16.28 -23.51
N SER A 173 -37.87 14.97 -23.75
CA SER A 173 -37.35 14.47 -25.02
C SER A 173 -38.25 14.93 -26.14
N LEU A 174 -39.55 14.92 -25.91
CA LEU A 174 -40.49 15.31 -26.92
C LEU A 174 -40.27 16.76 -27.25
N VAL A 175 -40.05 17.57 -26.23
CA VAL A 175 -39.86 18.99 -26.45
C VAL A 175 -38.61 19.18 -27.28
N LYS A 176 -37.56 18.44 -26.94
CA LYS A 176 -36.31 18.59 -27.67
C LYS A 176 -36.49 18.23 -29.14
N ILE A 177 -37.20 17.13 -29.40
CA ILE A 177 -37.40 16.70 -30.78
C ILE A 177 -38.26 17.71 -31.55
N LEU A 178 -39.27 18.27 -30.88
CA LEU A 178 -40.18 19.20 -31.53
C LEU A 178 -39.46 20.50 -31.73
N ALA A 179 -38.62 20.87 -30.78
CA ALA A 179 -38.00 22.18 -30.97
C ALA A 179 -37.08 22.17 -32.18
N ARG A 180 -36.48 21.02 -32.48
CA ARG A 180 -35.69 21.00 -33.71
C ARG A 180 -36.56 20.95 -34.96
N GLY A 181 -37.76 20.40 -34.88
CA GLY A 181 -38.84 20.78 -35.77
C GLY A 181 -38.98 20.08 -37.11
N PHE A 182 -38.49 18.85 -37.26
CA PHE A 182 -38.82 18.04 -38.42
C PHE A 182 -38.42 16.60 -38.14
N CYS A 183 -38.37 15.79 -39.18
CA CYS A 183 -37.94 14.39 -39.10
C CYS A 183 -36.43 14.23 -39.12
N LEU A 184 -35.70 15.19 -39.68
CA LEU A 184 -34.24 15.13 -39.64
C LEU A 184 -33.68 15.42 -38.26
N HIS A 185 -34.52 15.84 -37.30
CA HIS A 185 -34.02 16.17 -35.96
C HIS A 185 -33.24 15.00 -35.36
N ALA A 186 -33.83 13.81 -35.39
CA ALA A 186 -33.16 12.62 -34.89
C ALA A 186 -31.97 12.22 -35.75
N PHE A 187 -31.55 13.05 -36.71
CA PHE A 187 -30.37 12.78 -37.52
C PHE A 187 -29.29 13.85 -37.36
N THR A 188 -29.67 15.12 -37.32
CA THR A 188 -28.70 16.21 -37.28
C THR A 188 -28.73 17.01 -35.98
N PHE A 189 -29.79 16.90 -35.17
CA PHE A 189 -29.88 17.61 -33.91
C PHE A 189 -29.52 16.74 -32.70
N LEU A 190 -29.92 15.47 -32.68
CA LEU A 190 -29.53 14.57 -31.61
C LEU A 190 -28.35 13.69 -31.99
N ARG A 191 -27.38 14.26 -32.72
CA ARG A 191 -26.10 13.56 -32.86
C ARG A 191 -25.35 13.52 -31.55
N ASP A 192 -25.57 14.52 -30.68
CA ASP A 192 -24.79 14.65 -29.46
C ASP A 192 -24.87 13.37 -28.62
N PRO A 193 -23.74 12.90 -28.08
CA PRO A 193 -23.76 11.67 -27.30
C PRO A 193 -24.64 11.76 -26.07
N TRP A 194 -24.61 12.89 -25.36
CA TRP A 194 -25.35 12.95 -24.12
C TRP A 194 -26.83 12.74 -24.33
N ASN A 195 -27.34 12.97 -25.54
CA ASN A 195 -28.75 12.74 -25.78
C ASN A 195 -29.03 11.28 -26.12
N TRP A 196 -28.04 10.58 -26.66
CA TRP A 196 -28.25 9.17 -26.91
C TRP A 196 -28.66 8.63 -25.56
N LEU A 197 -28.07 9.16 -24.50
CA LEU A 197 -28.39 8.69 -23.15
C LEU A 197 -29.84 8.93 -22.78
N ASP A 198 -30.38 10.09 -23.15
CA ASP A 198 -31.77 10.37 -22.87
C ASP A 198 -32.63 9.34 -23.60
N PHE A 199 -32.38 9.15 -24.89
CA PHE A 199 -33.12 8.16 -25.66
C PHE A 199 -33.00 6.78 -25.02
N SER A 200 -31.84 6.52 -24.42
CA SER A 200 -31.64 5.23 -23.76
C SER A 200 -32.57 5.09 -22.56
N VAL A 201 -32.65 6.11 -21.71
CA VAL A 201 -33.53 6.00 -20.56
C VAL A 201 -34.98 5.90 -21.01
N ILE A 202 -35.35 6.59 -22.09
CA ILE A 202 -36.73 6.53 -22.56
C ILE A 202 -37.07 5.11 -23.01
N VAL A 203 -36.31 4.60 -23.98
CA VAL A 203 -36.59 3.28 -24.51
C VAL A 203 -36.49 2.23 -23.42
N MET A 204 -35.59 2.40 -22.45
CA MET A 204 -35.43 1.38 -21.43
C MET A 204 -36.58 1.38 -20.44
N ALA A 205 -37.00 2.55 -19.99
CA ALA A 205 -38.17 2.60 -19.11
C ALA A 205 -39.39 2.04 -19.81
N TYR A 206 -39.52 2.31 -21.11
CA TYR A 206 -40.68 1.80 -21.84
C TYR A 206 -40.59 0.29 -22.02
N THR A 207 -39.39 -0.22 -22.29
CA THR A 207 -39.21 -1.66 -22.40
C THR A 207 -39.49 -2.35 -21.08
N THR A 208 -39.23 -1.66 -19.96
CA THR A 208 -39.47 -2.25 -18.66
C THR A 208 -40.95 -2.22 -18.28
N GLU A 209 -41.65 -1.14 -18.66
CA GLU A 209 -43.03 -0.96 -18.24
C GLU A 209 -44.03 -1.49 -19.27
N PHE A 210 -44.03 -0.92 -20.48
CA PHE A 210 -45.03 -1.27 -21.49
C PHE A 210 -44.99 -2.76 -21.79
N VAL A 211 -43.80 -3.34 -21.85
CA VAL A 211 -43.64 -4.79 -21.98
C VAL A 211 -42.78 -5.27 -20.82
N ASP A 212 -42.48 -6.55 -20.80
CA ASP A 212 -41.55 -7.10 -19.82
C ASP A 212 -40.34 -7.70 -20.51
N GLY A 214 -41.90 -13.03 -17.66
CA GLY A 214 -41.28 -12.17 -18.65
C GLY A 214 -40.26 -11.22 -18.07
N ASN A 215 -40.24 -11.12 -16.74
CA ASN A 215 -39.34 -10.20 -16.03
C ASN A 215 -38.35 -11.05 -15.24
N VAL A 216 -37.12 -11.14 -15.76
CA VAL A 216 -36.04 -11.79 -15.02
C VAL A 216 -35.19 -10.65 -14.44
N SER A 217 -35.77 -9.45 -14.42
CA SER A 217 -35.16 -8.26 -13.82
C SER A 217 -33.85 -7.88 -14.49
N ALA A 218 -33.68 -8.19 -15.77
CA ALA A 218 -32.40 -7.93 -16.41
C ALA A 218 -32.17 -6.44 -16.64
N LEU A 219 -33.24 -5.67 -16.77
CA LEU A 219 -33.09 -4.29 -17.21
C LEU A 219 -33.11 -3.27 -16.07
N ARG A 220 -33.82 -3.58 -14.98
CA ARG A 220 -33.97 -2.61 -13.89
C ARG A 220 -32.64 -2.07 -13.40
N THR A 221 -31.54 -2.73 -13.76
CA THR A 221 -30.22 -2.29 -13.32
C THR A 221 -29.85 -0.94 -13.90
N PHE A 222 -30.52 -0.54 -14.99
CA PHE A 222 -30.09 0.61 -15.78
C PHE A 222 -30.59 1.94 -15.25
N ARG A 223 -31.51 1.91 -14.30
CA ARG A 223 -32.16 3.14 -13.81
C ARG A 223 -31.20 4.26 -13.47
N VAL A 224 -29.98 3.90 -13.10
CA VAL A 224 -28.99 4.88 -12.73
C VAL A 224 -28.67 5.79 -13.89
N LEU A 225 -28.67 5.24 -15.10
CA LEU A 225 -28.36 6.03 -16.28
C LEU A 225 -28.92 7.45 -16.22
N ARG A 226 -30.04 7.64 -15.53
CA ARG A 226 -30.58 8.98 -15.38
C ARG A 226 -29.58 9.90 -14.70
N ALA A 227 -28.91 9.42 -13.65
CA ALA A 227 -28.12 10.30 -12.81
C ALA A 227 -27.07 11.04 -13.62
N LEU A 228 -26.65 10.46 -14.74
CA LEU A 228 -25.73 11.18 -15.60
C LEU A 228 -26.41 12.37 -16.27
N LYS A 229 -27.74 12.39 -16.31
CA LYS A 229 -28.42 13.53 -16.94
C LYS A 229 -28.10 14.84 -16.24
N THR A 230 -27.83 14.83 -14.93
CA THR A 230 -27.43 16.07 -14.29
C THR A 230 -26.09 16.53 -14.83
N ILE A 231 -25.24 15.57 -15.21
CA ILE A 231 -24.03 15.93 -15.94
C ILE A 231 -24.41 16.49 -17.30
N SER A 232 -25.60 16.14 -17.81
CA SER A 232 -26.00 16.68 -19.10
C SER A 232 -26.56 18.09 -18.99
N VAL A 233 -27.16 18.41 -17.84
CA VAL A 233 -27.80 19.71 -17.68
C VAL A 233 -26.87 20.80 -17.14
N ILE A 234 -26.05 20.48 -16.15
CA ILE A 234 -25.10 21.47 -15.65
C ILE A 234 -24.16 21.76 -16.81
N SER A 235 -23.91 23.03 -17.07
CA SER A 235 -23.09 23.39 -18.22
C SER A 235 -21.62 23.23 -17.91
N GLY A 236 -21.30 22.82 -16.69
CA GLY A 236 -19.92 22.59 -16.33
C GLY A 236 -19.53 21.13 -16.28
N LEU A 237 -20.45 20.27 -15.81
CA LEU A 237 -20.14 18.86 -15.71
C LEU A 237 -19.98 18.23 -17.09
N LYS A 238 -20.71 18.74 -18.08
CA LYS A 238 -20.45 18.33 -19.46
C LYS A 238 -18.98 18.57 -19.80
N THR A 239 -18.51 19.79 -19.60
CA THR A 239 -17.13 20.12 -19.94
C THR A 239 -16.15 19.24 -19.19
N ILE A 240 -16.40 19.03 -17.89
CA ILE A 240 -15.43 18.29 -17.10
C ILE A 240 -15.40 16.82 -17.49
N VAL A 241 -16.55 16.17 -17.61
CA VAL A 241 -16.52 14.76 -17.95
C VAL A 241 -15.98 14.56 -19.37
N GLY A 242 -16.23 15.52 -20.26
CA GLY A 242 -15.66 15.42 -21.58
C GLY A 242 -14.15 15.51 -21.57
N ALA A 243 -13.61 16.49 -20.83
CA ALA A 243 -12.16 16.59 -20.73
C ALA A 243 -11.56 15.37 -20.04
N LEU A 244 -12.27 14.80 -19.06
CA LEU A 244 -11.78 13.61 -18.39
C LEU A 244 -11.69 12.42 -19.33
N ILE A 245 -12.74 12.20 -20.12
CA ILE A 245 -12.69 11.10 -21.06
C ILE A 245 -11.64 11.36 -22.13
N GLN A 246 -11.42 12.62 -22.50
CA GLN A 246 -10.29 12.94 -23.36
C GLN A 246 -8.98 12.50 -22.73
N SER A 247 -8.82 12.74 -21.43
CA SER A 247 -7.59 12.38 -20.76
C SER A 247 -7.43 10.86 -20.70
N VAL A 248 -8.52 10.13 -20.43
CA VAL A 248 -8.47 8.67 -20.50
C VAL A 248 -7.97 8.24 -21.87
N LYS A 249 -8.52 8.82 -22.93
CA LYS A 249 -8.04 8.48 -24.26
C LYS A 249 -6.57 8.79 -24.43
N LYS A 250 -6.04 9.77 -23.71
CA LYS A 250 -4.63 10.08 -23.87
C LYS A 250 -3.70 9.17 -23.10
N LEU A 251 -4.17 8.55 -22.02
CA LEU A 251 -3.38 7.64 -21.21
C LEU A 251 -3.37 6.22 -21.78
N ALA A 252 -3.65 6.05 -23.08
CA ALA A 252 -3.76 4.70 -23.62
C ALA A 252 -2.41 3.99 -23.69
N ASP A 253 -1.45 4.57 -24.39
CA ASP A 253 -0.20 3.85 -24.66
C ASP A 253 0.58 3.58 -23.39
N VAL A 254 0.53 4.49 -22.42
CA VAL A 254 1.16 4.20 -21.14
C VAL A 254 0.44 3.06 -20.44
N MET A 255 -0.87 2.94 -20.61
CA MET A 255 -1.54 1.81 -19.99
C MET A 255 -1.21 0.50 -20.71
N VAL A 256 -0.90 0.56 -22.00
CA VAL A 256 -0.49 -0.67 -22.68
C VAL A 256 0.92 -1.07 -22.26
N LEU A 257 1.80 -0.10 -22.11
CA LEU A 257 3.14 -0.40 -21.60
C LEU A 257 2.99 -1.00 -20.22
N THR A 258 2.09 -0.45 -19.41
CA THR A 258 1.93 -0.92 -18.05
C THR A 258 1.35 -2.30 -17.97
N VAL A 259 0.35 -2.61 -18.79
CA VAL A 259 -0.20 -3.96 -18.76
C VAL A 259 0.81 -4.96 -19.27
N PHE A 260 1.70 -4.52 -20.17
CA PHE A 260 2.76 -5.40 -20.66
C PHE A 260 3.75 -5.71 -19.55
N CYS A 261 4.12 -4.68 -18.78
CA CYS A 261 5.07 -4.88 -17.69
C CYS A 261 4.49 -5.83 -16.68
N LEU A 262 3.21 -5.66 -16.38
CA LEU A 262 2.56 -6.59 -15.49
C LEU A 262 2.51 -8.00 -16.08
N SER A 263 2.23 -8.12 -17.37
CA SER A 263 2.24 -9.45 -17.96
C SER A 263 3.58 -10.12 -17.74
N VAL A 264 4.68 -9.43 -18.06
CA VAL A 264 6.01 -10.01 -17.93
C VAL A 264 6.25 -10.51 -16.53
N PHE A 265 6.07 -9.63 -15.56
CA PHE A 265 6.26 -10.01 -14.17
C PHE A 265 5.26 -11.05 -13.69
N ALA A 266 4.05 -11.05 -14.22
CA ALA A 266 3.10 -12.09 -13.85
C ALA A 266 3.69 -13.43 -14.24
N LEU A 267 4.19 -13.54 -15.46
CA LEU A 267 4.88 -14.77 -15.85
C LEU A 267 5.99 -15.08 -14.88
N ILE A 268 6.80 -14.09 -14.53
CA ILE A 268 7.87 -14.30 -13.55
C ILE A 268 7.29 -14.87 -12.26
N GLY A 269 6.26 -14.25 -11.74
CA GLY A 269 5.65 -14.77 -10.54
C GLY A 269 5.02 -16.12 -10.73
N LEU A 270 4.49 -16.39 -11.91
CA LEU A 270 3.87 -17.67 -12.19
C LEU A 270 4.88 -18.79 -12.11
N GLN A 271 5.95 -18.68 -12.86
CA GLN A 271 6.97 -19.71 -12.90
C GLN A 271 7.74 -19.82 -11.59
N LEU A 272 7.80 -18.76 -10.80
CA LEU A 272 8.46 -18.88 -9.51
C LEU A 272 7.57 -19.57 -8.49
N PHE A 273 6.33 -19.11 -8.32
CA PHE A 273 5.49 -19.66 -7.27
C PHE A 273 4.25 -20.36 -7.81
N MET A 274 4.36 -20.98 -8.98
CA MET A 274 3.25 -21.74 -9.53
C MET A 274 2.73 -22.74 -8.52
N GLY A 275 1.51 -22.56 -8.08
CA GLY A 275 0.91 -23.50 -7.17
C GLY A 275 1.49 -23.42 -5.80
N ASN A 276 2.54 -22.61 -5.60
CA ASN A 276 3.16 -22.54 -4.29
C ASN A 276 2.20 -22.03 -3.25
N LEU A 277 1.27 -21.16 -3.67
CA LEU A 277 0.30 -20.64 -2.72
C LEU A 277 -0.78 -21.66 -2.41
N ARG A 278 -0.69 -22.87 -2.94
CA ARG A 278 -1.64 -23.89 -2.53
C ARG A 278 -1.20 -24.56 -1.25
N HIS A 279 0.11 -24.70 -1.02
CA HIS A 279 0.67 -25.54 0.04
C HIS A 279 -0.09 -25.41 1.34
N LYS A 280 -0.36 -26.53 1.98
CA LYS A 280 -1.13 -26.51 3.20
C LYS A 280 -0.63 -27.57 4.12
N CYS A 281 -0.51 -27.24 5.39
CA CYS A 281 -0.07 -28.21 6.38
C CYS A 281 -1.18 -29.23 6.60
N VAL A 282 -1.28 -30.18 5.68
CA VAL A 282 -2.27 -31.22 5.89
C VAL A 282 -1.82 -32.09 7.04
N ARG A 283 -2.77 -32.50 7.88
CA ARG A 283 -2.43 -33.33 9.03
C ARG A 283 -1.66 -34.49 8.46
N ASN A 284 -0.57 -34.88 9.11
CA ASN A 284 0.22 -35.93 8.54
C ASN A 284 -0.75 -37.04 8.51
N PHE A 285 -0.92 -37.63 7.34
CA PHE A 285 -1.91 -38.67 7.20
C PHE A 285 -1.37 -39.20 5.93
N THR A 286 -2.18 -39.95 5.20
CA THR A 286 -1.70 -40.62 4.00
C THR A 286 -0.93 -41.77 4.65
N GLU A 287 -1.61 -42.38 5.62
CA GLU A 287 -1.03 -43.45 6.43
C GLU A 287 -0.64 -44.61 5.55
N LEU A 288 -1.65 -45.30 5.01
CA LEU A 288 -1.50 -46.44 4.13
C LEU A 288 -2.88 -46.93 3.74
N ASN A 289 -2.98 -47.55 2.57
CA ASN A 289 -4.13 -48.35 2.13
C ASN A 289 -5.47 -47.79 2.59
N GLY A 290 -5.70 -46.53 2.22
CA GLY A 290 -7.07 -46.05 2.16
C GLY A 290 -7.85 -46.61 0.99
N THR A 291 -7.16 -47.34 0.10
CA THR A 291 -7.71 -48.02 -1.07
C THR A 291 -8.75 -47.17 -1.80
N ASN A 292 -8.31 -46.02 -2.33
CA ASN A 292 -7.00 -45.41 -2.11
C ASN A 292 -7.21 -44.29 -1.11
N GLY A 293 -8.32 -43.57 -1.24
CA GLY A 293 -8.49 -42.35 -0.48
C GLY A 293 -9.88 -41.94 -0.05
N SER A 294 -10.82 -42.87 0.02
CA SER A 294 -12.18 -42.54 0.47
C SER A 294 -12.25 -42.73 1.99
N VAL A 295 -11.28 -42.15 2.68
CA VAL A 295 -11.20 -42.24 4.13
C VAL A 295 -10.54 -40.98 4.69
N GLU A 296 -11.16 -40.43 5.74
CA GLU A 296 -10.65 -39.26 6.42
C GLU A 296 -10.01 -39.61 7.76
N ALA A 297 -10.54 -40.61 8.45
CA ALA A 297 -9.94 -41.14 9.67
C ALA A 297 -9.98 -42.67 9.66
N SER A 304 -6.85 -40.78 -2.66
CA SER A 304 -6.30 -39.89 -1.66
C SER A 304 -6.96 -38.52 -1.74
N LEU A 305 -6.93 -37.93 -2.94
CA LEU A 305 -7.28 -36.53 -3.11
C LEU A 305 -8.64 -36.19 -2.50
N ASP A 306 -9.46 -37.21 -2.22
CA ASP A 306 -10.73 -36.98 -1.56
C ASP A 306 -10.54 -36.26 -0.23
N VAL A 307 -9.78 -36.85 0.68
CA VAL A 307 -9.60 -36.23 1.99
C VAL A 307 -8.41 -35.28 2.00
N TYR A 308 -7.34 -35.58 1.27
CA TYR A 308 -6.25 -34.61 1.22
C TYR A 308 -6.67 -33.32 0.55
N LEU A 309 -7.82 -33.27 -0.10
CA LEU A 309 -8.28 -32.02 -0.67
C LEU A 309 -9.56 -31.52 -0.02
N ASN A 310 -10.65 -32.27 -0.12
CA ASN A 310 -11.94 -31.70 0.21
C ASN A 310 -12.30 -31.85 1.68
N ASP A 311 -11.33 -32.07 2.56
CA ASP A 311 -11.60 -32.15 3.99
C ASP A 311 -10.77 -31.13 4.73
N PRO A 312 -10.99 -29.83 4.52
CA PRO A 312 -10.18 -28.84 5.23
C PRO A 312 -10.27 -28.96 6.74
N ALA A 313 -11.04 -29.92 7.25
CA ALA A 313 -10.81 -30.42 8.60
C ALA A 313 -9.51 -31.20 8.70
N ASN A 314 -8.83 -31.43 7.58
CA ASN A 314 -7.50 -32.00 7.61
C ASN A 314 -6.41 -30.95 7.74
N TYR A 315 -6.70 -29.68 7.45
CA TYR A 315 -5.65 -28.66 7.48
C TYR A 315 -5.47 -27.97 8.82
N LEU A 316 -4.56 -26.99 8.89
CA LEU A 316 -4.36 -26.23 10.13
C LEU A 316 -4.66 -24.79 9.87
N LEU A 317 -5.30 -24.11 10.82
CA LEU A 317 -5.50 -22.69 10.66
C LEU A 317 -4.34 -21.92 11.29
N LYS A 318 -3.95 -20.79 10.71
CA LYS A 318 -2.92 -19.96 11.30
C LYS A 318 -3.32 -19.54 12.71
N ASN A 319 -2.33 -19.10 13.48
CA ASN A 319 -2.54 -18.73 14.87
C ASN A 319 -3.55 -17.62 15.00
N GLY A 320 -4.59 -17.86 15.81
CA GLY A 320 -5.56 -16.83 16.09
C GLY A 320 -6.21 -16.24 14.86
N THR A 321 -6.58 -17.07 13.90
CA THR A 321 -7.21 -16.60 12.68
C THR A 321 -8.01 -17.76 12.12
N THR A 322 -8.87 -17.45 11.16
CA THR A 322 -9.52 -18.47 10.34
C THR A 322 -8.88 -18.41 8.96
N ASP A 323 -7.78 -19.13 8.83
CA ASP A 323 -6.96 -19.04 7.63
C ASP A 323 -6.00 -20.23 7.63
N VAL A 324 -6.03 -21.01 6.56
CA VAL A 324 -5.29 -22.26 6.55
C VAL A 324 -3.81 -21.98 6.46
N LEU A 325 -3.02 -22.73 7.21
CA LEU A 325 -1.61 -22.42 7.39
C LEU A 325 -0.83 -22.87 6.18
N LEU A 326 -0.06 -21.97 5.58
CA LEU A 326 0.80 -22.40 4.49
C LEU A 326 2.02 -23.13 5.06
N CYS A 327 2.91 -23.54 4.17
CA CYS A 327 4.09 -24.26 4.63
C CYS A 327 5.05 -24.37 3.46
N GLY A 328 6.04 -25.24 3.61
CA GLY A 328 7.04 -25.31 2.57
C GLY A 328 8.11 -26.35 2.72
N ASN A 329 8.70 -26.70 1.59
CA ASN A 329 9.75 -27.69 1.50
C ASN A 329 11.10 -27.07 1.72
N SER A 330 11.26 -25.83 1.28
CA SER A 330 12.51 -25.11 1.42
C SER A 330 12.83 -24.89 2.89
N SER A 331 14.11 -24.92 3.23
CA SER A 331 14.49 -24.75 4.62
C SER A 331 14.06 -23.40 5.17
N ASP A 332 14.21 -22.35 4.37
CA ASP A 332 13.81 -21.02 4.82
C ASP A 332 12.33 -20.91 5.08
N ALA A 333 11.53 -21.53 4.22
CA ALA A 333 10.09 -21.45 4.29
C ALA A 333 9.55 -21.97 5.59
N GLY A 334 8.49 -21.34 6.08
CA GLY A 334 7.91 -21.73 7.35
C GLY A 334 7.41 -23.14 7.33
N THR A 335 7.56 -23.83 8.45
CA THR A 335 7.17 -25.23 8.53
C THR A 335 6.12 -25.49 9.60
N CYS A 336 5.37 -26.57 9.39
CA CYS A 336 4.32 -26.99 10.29
C CYS A 336 4.86 -27.60 11.56
N PRO A 337 3.99 -27.70 12.57
CA PRO A 337 4.22 -28.30 13.89
C PRO A 337 4.28 -29.82 13.74
N GLU A 338 4.86 -30.50 14.73
CA GLU A 338 4.99 -31.95 14.64
C GLU A 338 3.63 -32.61 14.48
N GLY A 339 3.60 -33.63 13.62
CA GLY A 339 2.38 -34.35 13.33
C GLY A 339 1.61 -33.76 12.17
N TYR A 340 2.13 -32.67 11.62
CA TYR A 340 1.52 -32.04 10.45
C TYR A 340 2.43 -32.13 9.25
N ARG A 341 1.89 -32.56 8.11
CA ARG A 341 2.66 -32.76 6.90
C ARG A 341 2.41 -31.66 5.86
N CYS A 342 3.49 -31.14 5.28
CA CYS A 342 3.35 -30.07 4.29
C CYS A 342 3.09 -30.48 2.85
N LEU A 343 1.92 -31.08 2.59
CA LEU A 343 1.50 -31.50 1.25
C LEU A 343 1.04 -30.32 0.44
N LYS A 344 1.07 -30.43 -0.88
CA LYS A 344 0.66 -29.31 -1.73
C LYS A 344 -0.78 -29.38 -2.26
N ALA A 345 -1.52 -30.42 -1.88
CA ALA A 345 -2.87 -30.55 -2.39
C ALA A 345 -3.92 -29.92 -1.50
N GLY A 346 -4.52 -28.84 -1.98
CA GLY A 346 -5.56 -28.14 -1.26
C GLY A 346 -6.34 -27.21 -2.17
N GLU A 347 -7.35 -26.53 -1.65
CA GLU A 347 -8.02 -25.51 -2.47
C GLU A 347 -7.06 -24.32 -2.62
N ASN A 348 -7.35 -23.39 -3.51
CA ASN A 348 -6.48 -22.22 -3.67
C ASN A 348 -6.52 -21.34 -2.43
N PRO A 349 -5.42 -20.67 -2.08
CA PRO A 349 -5.27 -19.83 -0.86
C PRO A 349 -5.91 -18.93 0.19
N ASP A 350 -6.74 -17.99 -0.27
CA ASP A 350 -7.35 -17.00 0.64
C ASP A 350 -8.77 -17.40 0.35
N HIS A 351 -9.13 -17.31 -0.91
CA HIS A 351 -10.51 -17.60 -1.31
C HIS A 351 -10.54 -18.17 -2.72
N GLY A 352 -9.37 -18.50 -3.25
CA GLY A 352 -9.24 -18.98 -4.60
C GLY A 352 -8.98 -17.83 -5.56
N TYR A 353 -8.88 -16.61 -5.04
CA TYR A 353 -8.64 -15.47 -5.90
C TYR A 353 -7.23 -14.91 -5.89
N THR A 354 -6.36 -15.49 -5.06
CA THR A 354 -4.98 -15.01 -5.03
C THR A 354 -3.92 -16.02 -5.47
N SER A 355 -4.33 -17.15 -6.02
CA SER A 355 -3.35 -18.13 -6.42
C SER A 355 -2.47 -17.59 -7.51
N PHE A 356 -1.17 -17.84 -7.40
CA PHE A 356 -0.21 -17.43 -8.41
C PHE A 356 -0.33 -18.25 -9.69
N ASP A 357 -0.66 -19.53 -9.55
CA ASP A 357 -0.77 -20.43 -10.70
C ASP A 357 -1.85 -19.95 -11.64
N SER A 358 -1.51 -20.03 -12.92
CA SER A 358 -2.21 -19.64 -14.17
C SER A 358 -1.92 -18.19 -14.47
N PHE A 359 -1.84 -17.83 -15.74
CA PHE A 359 -1.53 -16.45 -16.03
C PHE A 359 -2.58 -15.43 -15.65
N ALA A 360 -3.85 -15.75 -15.82
CA ALA A 360 -4.88 -14.77 -15.52
C ALA A 360 -4.85 -14.39 -14.06
N TRP A 361 -4.80 -15.36 -13.15
CA TRP A 361 -4.73 -15.04 -11.72
C TRP A 361 -3.41 -14.40 -11.33
N ALA A 362 -2.33 -14.77 -12.01
CA ALA A 362 -1.04 -14.15 -11.75
C ALA A 362 -1.06 -12.69 -12.12
N PHE A 363 -1.76 -12.33 -13.18
CA PHE A 363 -1.85 -10.93 -13.57
C PHE A 363 -2.55 -10.14 -12.50
N LEU A 364 -3.62 -10.69 -11.94
CA LEU A 364 -4.34 -9.99 -10.88
C LEU A 364 -3.51 -9.80 -9.63
N ALA A 365 -2.82 -10.83 -9.16
CA ALA A 365 -2.01 -10.72 -7.96
C ALA A 365 -0.91 -9.69 -8.14
N LEU A 366 -0.24 -9.68 -9.27
CA LEU A 366 0.78 -8.66 -9.54
C LEU A 366 0.20 -7.27 -9.62
N PHE A 367 -0.98 -7.11 -10.21
CA PHE A 367 -1.62 -5.80 -10.26
C PHE A 367 -1.81 -5.32 -8.84
N ARG A 368 -2.23 -6.20 -7.95
CA ARG A 368 -2.46 -5.85 -6.56
C ARG A 368 -1.17 -5.40 -5.91
N LEU A 369 -0.06 -6.07 -6.22
CA LEU A 369 1.25 -5.68 -5.69
C LEU A 369 1.64 -4.32 -6.23
N MET A 370 1.33 -4.05 -7.50
CA MET A 370 1.69 -2.76 -8.09
C MET A 370 1.00 -1.58 -7.41
N THR A 371 -0.27 -1.73 -7.08
CA THR A 371 -1.02 -0.67 -6.43
C THR A 371 -0.90 -0.74 -4.91
N GLN A 372 -0.22 -1.76 -4.42
CA GLN A 372 0.03 -1.99 -3.00
C GLN A 372 -1.23 -2.02 -2.20
N ASP A 373 -2.25 -2.68 -2.70
CA ASP A 373 -3.48 -2.75 -1.97
C ASP A 373 -3.47 -4.05 -1.24
N CYS A 374 -3.27 -3.97 0.08
CA CYS A 374 -3.24 -5.13 0.95
C CYS A 374 -2.26 -6.20 0.48
N TRP A 375 -1.07 -5.78 0.05
CA TRP A 375 -0.07 -6.71 -0.44
C TRP A 375 0.72 -7.35 0.67
N GLU A 376 0.60 -6.82 1.88
CA GLU A 376 1.27 -7.39 3.03
C GLU A 376 0.75 -8.77 3.30
N ARG A 377 -0.56 -8.97 3.16
CA ARG A 377 -1.15 -10.27 3.37
C ARG A 377 -0.65 -11.28 2.38
N LEU A 378 -0.56 -10.91 1.10
CA LEU A 378 -0.07 -11.83 0.08
C LEU A 378 1.38 -12.18 0.29
N TYR A 379 2.18 -11.17 0.57
CA TYR A 379 3.61 -11.32 0.75
C TYR A 379 3.91 -12.23 1.91
N GLN A 380 3.17 -12.13 2.99
CA GLN A 380 3.40 -13.06 4.07
C GLN A 380 3.08 -14.47 3.62
N GLN A 381 2.02 -14.65 2.82
CA GLN A 381 1.62 -15.99 2.39
C GLN A 381 2.64 -16.65 1.48
N THR A 382 3.01 -15.97 0.40
CA THR A 382 4.02 -16.48 -0.51
C THR A 382 5.38 -16.73 0.14
N LEU A 383 5.87 -15.81 0.96
CA LEU A 383 7.14 -15.98 1.66
C LEU A 383 7.08 -17.17 2.59
N ARG A 384 5.89 -17.51 3.07
CA ARG A 384 5.79 -18.72 3.88
C ARG A 384 5.96 -19.95 3.00
N SER A 385 5.23 -20.01 1.89
CA SER A 385 5.35 -21.14 0.97
C SER A 385 6.65 -21.32 0.20
N ALA A 386 7.16 -20.24 -0.37
CA ALA A 386 8.37 -20.34 -1.19
C ALA A 386 9.59 -20.32 -0.33
N GLY A 387 9.60 -19.47 0.68
CA GLY A 387 10.70 -19.46 1.61
C GLY A 387 11.14 -18.02 1.83
N LYS A 388 11.96 -17.78 2.85
CA LYS A 388 12.45 -16.45 3.17
C LYS A 388 13.29 -15.82 2.06
N ILE A 389 14.02 -16.65 1.32
CA ILE A 389 14.88 -16.24 0.23
C ILE A 389 14.20 -15.63 -1.00
N TYR A 390 12.88 -15.76 -1.13
CA TYR A 390 12.13 -15.19 -2.28
C TYR A 390 11.70 -13.77 -2.01
N MET A 391 12.05 -13.25 -0.84
CA MET A 391 11.70 -11.88 -0.48
C MET A 391 12.17 -10.94 -1.56
N ILE A 392 13.33 -11.22 -2.12
CA ILE A 392 13.89 -10.38 -3.15
C ILE A 392 12.86 -10.14 -4.27
N PHE A 393 12.06 -11.16 -4.59
CA PHE A 393 11.06 -10.99 -5.63
C PHE A 393 10.14 -9.86 -5.26
N PHE A 394 9.59 -9.90 -4.06
CA PHE A 394 8.67 -8.86 -3.60
C PHE A 394 9.38 -7.55 -3.48
N MET A 395 10.62 -7.62 -3.00
CA MET A 395 11.43 -6.43 -2.86
C MET A 395 11.64 -5.84 -4.24
N LEU A 396 11.94 -6.68 -5.22
CA LEU A 396 12.09 -6.18 -6.58
C LEU A 396 10.77 -5.64 -7.08
N VAL A 397 9.67 -6.36 -6.87
CA VAL A 397 8.38 -5.86 -7.35
C VAL A 397 7.83 -4.63 -6.66
N ILE A 398 7.91 -4.57 -5.33
CA ILE A 398 7.42 -3.40 -4.63
C ILE A 398 8.25 -2.16 -4.91
N PHE A 399 9.56 -2.31 -4.89
CA PHE A 399 10.42 -1.16 -5.17
C PHE A 399 10.31 -0.71 -6.60
N LEU A 400 10.35 -1.63 -7.56
CA LEU A 400 10.18 -1.23 -8.96
C LEU A 400 8.77 -0.81 -9.29
N GLY A 401 7.78 -1.55 -8.81
CA GLY A 401 6.40 -1.24 -9.12
C GLY A 401 5.95 0.09 -8.60
N SER A 402 6.26 0.40 -7.35
CA SER A 402 5.89 1.69 -6.78
C SER A 402 6.63 2.79 -7.53
N PHE A 403 7.90 2.56 -7.83
CA PHE A 403 8.67 3.53 -8.57
C PHE A 403 8.09 3.70 -9.95
N TYR A 404 7.58 2.62 -10.52
CA TYR A 404 6.93 2.72 -11.82
C TYR A 404 5.61 3.45 -11.70
N LEU A 405 4.83 3.13 -10.66
CA LEU A 405 3.53 3.77 -10.49
C LEU A 405 3.72 5.25 -10.29
N VAL A 406 4.72 5.62 -9.48
CA VAL A 406 5.00 7.03 -9.25
C VAL A 406 5.38 7.69 -10.56
N ASN A 407 6.17 6.99 -11.37
CA ASN A 407 6.54 7.54 -12.67
C ASN A 407 5.33 7.57 -13.59
N LEU A 408 4.45 6.58 -13.52
CA LEU A 408 3.33 6.60 -14.44
C LEU A 408 2.37 7.71 -14.03
N ILE A 409 2.20 7.92 -12.72
CA ILE A 409 1.37 9.05 -12.29
C ILE A 409 1.97 10.35 -12.75
N LEU A 410 3.29 10.46 -12.64
CA LEU A 410 3.97 11.67 -13.06
C LEU A 410 3.76 11.93 -14.55
N ALA A 411 3.82 10.87 -15.34
CA ALA A 411 3.57 11.02 -16.77
C ALA A 411 2.13 11.47 -16.99
N VAL A 412 1.19 10.82 -16.30
CA VAL A 412 -0.21 11.20 -16.43
C VAL A 412 -0.40 12.65 -16.03
N VAL A 413 0.27 13.06 -14.96
CA VAL A 413 0.18 14.42 -14.47
C VAL A 413 0.72 15.40 -15.51
N ALA A 414 1.79 15.03 -16.19
CA ALA A 414 2.37 15.88 -17.22
C ALA A 414 1.36 16.11 -18.34
N MET A 415 0.61 15.08 -18.73
CA MET A 415 -0.36 15.24 -19.81
C MET A 415 -1.42 16.27 -19.43
N ALA A 416 -1.89 16.22 -18.18
CA ALA A 416 -2.88 17.18 -17.72
C ALA A 416 -2.27 18.57 -17.73
N TYR A 417 -1.02 18.68 -17.28
CA TYR A 417 -0.31 19.94 -17.27
C TYR A 417 -0.10 20.44 -18.68
N GLU A 418 0.23 19.51 -19.59
CA GLU A 418 0.44 19.86 -20.99
C GLU A 418 -0.85 20.41 -21.59
N GLU A 419 -1.98 19.78 -21.24
CA GLU A 419 -3.27 20.21 -21.75
C GLU A 419 -3.58 21.62 -21.28
N GLN A 420 -3.27 21.90 -20.02
CA GLN A 420 -3.50 23.24 -19.47
C GLN A 420 -2.64 24.27 -20.21
N ASN A 421 -1.40 23.89 -20.49
CA ASN A 421 -0.47 24.75 -21.20
C ASN A 421 -0.96 25.05 -22.62
N GLN A 422 -1.55 24.04 -23.25
CA GLN A 422 -2.07 24.18 -24.61
C GLN A 422 -3.20 25.21 -24.68
N ALA A 423 -4.04 25.23 -23.65
CA ALA A 423 -5.16 26.16 -23.57
C ALA A 423 -4.80 27.61 -23.93
N TRP A 507 -30.20 59.10 23.03
CA TRP A 507 -29.47 58.70 21.83
C TRP A 507 -28.05 59.27 21.82
N MET A 508 -27.88 60.40 22.48
CA MET A 508 -26.56 61.04 22.56
C MET A 508 -25.53 60.18 23.29
N SER A 509 -25.96 59.56 24.40
CA SER A 509 -25.06 58.74 25.21
C SER A 509 -24.50 57.50 24.51
N ILE A 510 -25.33 56.78 23.78
CA ILE A 510 -24.88 55.58 23.08
C ILE A 510 -23.83 55.87 22.00
N LYS A 511 -24.04 56.98 21.28
CA LYS A 511 -23.13 57.38 20.21
C LYS A 511 -21.73 57.69 20.76
N GLN A 512 -21.67 58.33 21.91
CA GLN A 512 -20.39 58.67 22.51
C GLN A 512 -19.58 57.42 22.88
N LYS A 513 -20.26 56.43 23.44
CA LYS A 513 -19.60 55.18 23.85
C LYS A 513 -18.97 54.37 22.72
N VAL A 514 -19.67 54.26 21.59
CA VAL A 514 -19.17 53.48 20.46
C VAL A 514 -17.89 54.05 19.83
N LYS A 515 -17.77 55.37 19.79
CA LYS A 515 -16.61 56.01 19.19
C LYS A 515 -15.29 55.69 19.89
N PHE A 516 -15.29 55.67 21.22
CA PHE A 516 -14.05 55.37 21.95
C PHE A 516 -13.48 53.96 21.72
N VAL A 517 -14.34 52.96 21.75
CA VAL A 517 -13.89 51.57 21.55
C VAL A 517 -13.35 51.24 20.17
N VAL A 518 -14.01 51.76 19.13
CA VAL A 518 -13.60 51.51 17.75
C VAL A 518 -12.23 52.08 17.36
N MET A 519 -11.94 53.26 17.88
CA MET A 519 -10.67 53.94 17.60
C MET A 519 -9.47 53.11 18.08
N ASP A 520 -9.44 52.81 19.37
CA ASP A 520 -8.35 52.03 19.94
C ASP A 520 -8.58 50.54 19.80
N PRO A 521 -7.71 49.86 19.03
CA PRO A 521 -7.79 48.41 18.80
C PRO A 521 -6.93 47.64 19.79
N PHE A 522 -5.88 47.01 19.30
CA PHE A 522 -4.96 46.24 20.12
C PHE A 522 -5.69 45.24 21.03
N ALA A 523 -6.35 44.27 20.42
CA ALA A 523 -7.09 43.25 21.16
C ALA A 523 -6.98 41.89 20.51
N ASP A 524 -6.34 41.85 19.34
CA ASP A 524 -6.17 40.60 18.61
C ASP A 524 -5.06 39.78 19.22
N LEU A 525 -4.00 40.43 19.66
CA LEU A 525 -2.91 39.71 20.30
C LEU A 525 -3.40 39.05 21.58
N THR A 526 -4.22 39.76 22.34
CA THR A 526 -4.73 39.21 23.58
C THR A 526 -5.80 38.18 23.29
N ILE A 527 -6.63 38.45 22.30
CA ILE A 527 -7.69 37.52 21.93
C ILE A 527 -7.16 36.21 21.33
N THR A 528 -6.11 36.30 20.51
CA THR A 528 -5.51 35.12 19.90
C THR A 528 -4.96 34.20 20.98
N MET A 529 -4.33 34.77 22.00
CA MET A 529 -3.78 34.01 23.10
C MET A 529 -4.89 33.25 23.83
N CYS A 530 -6.05 33.87 23.91
CA CYS A 530 -7.19 33.23 24.58
C CYS A 530 -7.66 32.01 23.85
N ILE A 531 -7.81 32.09 22.52
CA ILE A 531 -8.18 30.90 21.78
C ILE A 531 -7.13 29.80 21.86
N VAL A 532 -5.84 30.16 21.77
CA VAL A 532 -4.79 29.16 21.93
C VAL A 532 -5.00 28.48 23.27
N LEU A 533 -5.16 29.28 24.32
CA LEU A 533 -5.38 28.72 25.65
C LEU A 533 -6.67 27.92 25.69
N ASN A 534 -7.72 28.40 25.04
CA ASN A 534 -8.98 27.69 25.03
C ASN A 534 -8.78 26.34 24.41
N THR A 535 -8.03 26.29 23.31
CA THR A 535 -7.82 25.03 22.61
C THR A 535 -7.06 24.09 23.49
N LEU A 536 -6.07 24.61 24.20
CA LEU A 536 -5.29 23.79 25.11
C LEU A 536 -6.12 23.38 26.30
N PHE A 537 -7.09 24.21 26.68
CA PHE A 537 -7.96 23.87 27.79
C PHE A 537 -8.83 22.64 27.52
N MET A 538 -9.38 22.54 26.31
CA MET A 538 -10.25 21.43 25.99
C MET A 538 -9.38 20.20 25.79
N ALA A 539 -8.15 20.42 25.38
CA ALA A 539 -7.23 19.31 25.16
C ALA A 539 -7.01 18.49 26.43
N LEU A 540 -7.00 19.14 27.59
CA LEU A 540 -6.78 18.48 28.86
C LEU A 540 -7.81 17.40 29.18
N GLU A 541 -9.01 17.55 28.64
CA GLU A 541 -10.06 16.54 28.83
C GLU A 541 -9.57 15.19 28.36
N HIS A 542 -9.77 14.17 29.19
CA HIS A 542 -9.34 12.83 28.83
C HIS A 542 -10.38 11.81 29.22
N TYR A 543 -10.01 10.54 29.23
CA TYR A 543 -10.98 9.49 29.51
C TYR A 543 -11.56 9.53 30.91
N ASN A 544 -10.74 9.72 31.93
CA ASN A 544 -11.28 9.65 33.28
C ASN A 544 -10.88 10.84 34.10
N MET A 545 -11.45 11.99 33.78
CA MET A 545 -11.14 13.19 34.53
C MET A 545 -11.84 13.11 35.88
N THR A 546 -11.13 13.45 36.94
CA THR A 546 -11.73 13.45 38.28
C THR A 546 -12.90 14.42 38.32
N ALA A 547 -13.82 14.25 39.27
CA ALA A 547 -15.01 15.10 39.28
C ALA A 547 -14.67 16.57 39.47
N GLU A 548 -13.75 16.87 40.36
CA GLU A 548 -13.35 18.27 40.57
C GLU A 548 -12.83 18.83 39.27
N PHE A 549 -11.94 18.09 38.62
CA PHE A 549 -11.34 18.51 37.37
C PHE A 549 -12.41 18.60 36.29
N GLU A 550 -13.31 17.64 36.29
CA GLU A 550 -14.37 17.62 35.28
C GLU A 550 -15.23 18.86 35.43
N GLU A 551 -15.57 19.19 36.67
CA GLU A 551 -16.38 20.37 36.94
C GLU A 551 -15.62 21.62 36.54
N MET A 552 -14.33 21.63 36.87
CA MET A 552 -13.47 22.75 36.57
C MET A 552 -13.33 22.98 35.08
N LEU A 553 -13.25 21.89 34.31
CA LEU A 553 -13.11 21.99 32.88
C LEU A 553 -14.30 22.70 32.25
N GLN A 554 -15.50 22.37 32.73
CA GLN A 554 -16.71 22.97 32.21
C GLN A 554 -16.73 24.47 32.47
N VAL A 555 -16.28 24.87 33.65
CA VAL A 555 -16.26 26.27 34.03
C VAL A 555 -15.36 27.08 33.12
N GLY A 556 -14.22 26.51 32.75
CA GLY A 556 -13.30 27.20 31.87
C GLY A 556 -13.96 27.47 30.53
N ASN A 557 -14.68 26.48 30.00
CA ASN A 557 -15.36 26.67 28.73
C ASN A 557 -16.42 27.76 28.87
N LEU A 558 -17.15 27.74 29.99
CA LEU A 558 -18.17 28.76 30.20
C LEU A 558 -17.49 30.13 30.31
N VAL A 559 -16.38 30.18 31.03
CA VAL A 559 -15.65 31.43 31.17
C VAL A 559 -15.14 31.87 29.81
N PHE A 560 -14.61 30.92 29.06
CA PHE A 560 -14.09 31.23 27.74
C PHE A 560 -15.16 31.72 26.79
N THR A 561 -16.36 31.12 26.86
CA THR A 561 -17.44 31.54 25.96
C THR A 561 -17.81 32.99 26.21
N GLY A 562 -17.85 33.39 27.48
CA GLY A 562 -18.21 34.74 27.82
C GLY A 562 -17.24 35.74 27.23
N ILE A 563 -15.95 35.43 27.25
CA ILE A 563 -14.97 36.35 26.71
C ILE A 563 -15.21 36.59 25.23
N PHE A 564 -15.46 35.52 24.50
CA PHE A 564 -15.74 35.67 23.07
C PHE A 564 -17.05 36.40 22.78
N THR A 565 -18.10 36.09 23.54
CA THR A 565 -19.40 36.73 23.36
C THR A 565 -19.27 38.21 23.65
N ALA A 566 -18.54 38.54 24.72
CA ALA A 566 -18.34 39.93 25.08
C ALA A 566 -17.60 40.65 23.97
N GLU A 567 -16.59 40.00 23.40
CA GLU A 567 -15.84 40.60 22.31
C GLU A 567 -16.74 40.80 21.10
N MET A 568 -17.60 39.82 20.83
CA MET A 568 -18.50 39.94 19.70
C MET A 568 -19.42 41.14 19.88
N THR A 569 -19.96 41.29 21.09
CA THR A 569 -20.85 42.41 21.36
C THR A 569 -20.08 43.72 21.21
N PHE A 570 -18.86 43.76 21.72
CA PHE A 570 -18.04 44.94 21.57
C PHE A 570 -17.72 45.20 20.12
N LYS A 571 -17.43 44.14 19.38
CA LYS A 571 -17.08 44.28 17.98
C LYS A 571 -18.23 44.85 17.16
N ILE A 572 -19.45 44.37 17.38
CA ILE A 572 -20.55 44.95 16.62
C ILE A 572 -20.80 46.42 16.94
N ILE A 573 -20.76 46.79 18.21
CA ILE A 573 -20.97 48.19 18.58
C ILE A 573 -19.87 49.19 18.17
N ALA A 574 -18.60 48.81 18.36
CA ALA A 574 -17.49 49.70 18.04
C ALA A 574 -17.45 50.02 16.55
N LEU A 575 -17.70 48.99 15.75
CA LEU A 575 -17.74 49.11 14.30
C LEU A 575 -19.19 49.34 13.86
N ASP A 576 -19.48 49.17 12.58
CA ASP A 576 -20.85 49.36 12.14
C ASP A 576 -21.61 48.05 12.26
N PRO A 577 -22.76 48.09 12.95
CA PRO A 577 -23.58 46.89 13.15
C PRO A 577 -24.06 46.33 11.83
N TYR A 578 -24.42 47.17 10.87
CA TYR A 578 -24.85 46.64 9.58
C TYR A 578 -23.70 46.58 8.58
N TYR A 579 -22.93 47.65 8.43
CA TYR A 579 -21.86 47.64 7.41
C TYR A 579 -20.64 46.80 7.76
N TYR A 580 -20.00 47.07 8.90
CA TYR A 580 -18.78 46.34 9.28
C TYR A 580 -18.93 44.84 9.54
N PHE A 581 -20.06 44.43 10.14
CA PHE A 581 -20.28 43.03 10.45
C PHE A 581 -20.31 42.18 9.18
N GLN A 582 -20.69 42.78 8.06
CA GLN A 582 -20.82 42.02 6.82
C GLN A 582 -19.52 41.36 6.38
N GLN A 583 -18.35 41.92 6.72
CA GLN A 583 -17.09 41.25 6.41
C GLN A 583 -17.17 39.74 6.66
N GLY A 584 -16.92 38.93 5.63
CA GLY A 584 -17.03 37.49 5.76
C GLY A 584 -16.38 36.81 6.95
N TRP A 585 -15.17 37.21 7.31
CA TRP A 585 -14.50 36.54 8.42
C TRP A 585 -15.28 36.74 9.72
N ASN A 586 -15.80 37.94 9.92
CA ASN A 586 -16.58 38.25 11.11
C ASN A 586 -17.86 37.44 11.18
N ILE A 587 -18.51 37.24 10.03
CA ILE A 587 -19.77 36.50 10.01
C ILE A 587 -19.62 35.07 10.51
N PHE A 588 -18.59 34.38 10.04
CA PHE A 588 -18.35 33.00 10.47
C PHE A 588 -18.01 32.95 11.95
N ASP A 589 -17.25 33.95 12.42
CA ASP A 589 -16.88 34.05 13.82
C ASP A 589 -18.12 34.18 14.69
N SER A 590 -19.08 34.98 14.25
CA SER A 590 -20.33 35.17 14.97
C SER A 590 -21.12 33.86 15.06
N ILE A 591 -21.09 33.07 13.98
CA ILE A 591 -21.78 31.79 13.92
C ILE A 591 -21.26 30.85 15.00
N ILE A 592 -19.96 30.85 15.22
CA ILE A 592 -19.38 30.00 16.25
C ILE A 592 -19.88 30.45 17.60
N VAL A 593 -19.91 31.77 17.80
CA VAL A 593 -20.36 32.31 19.08
C VAL A 593 -21.79 31.92 19.41
N ILE A 594 -22.68 32.00 18.43
CA ILE A 594 -24.07 31.63 18.68
C ILE A 594 -24.20 30.13 18.97
N LEU A 595 -23.42 29.32 18.26
CA LEU A 595 -23.46 27.87 18.47
C LEU A 595 -23.01 27.52 19.88
N SER A 596 -21.98 28.21 20.36
CA SER A 596 -21.50 27.96 21.71
C SER A 596 -22.59 28.30 22.71
N LEU A 597 -23.28 29.42 22.48
CA LEU A 597 -24.37 29.82 23.35
C LEU A 597 -25.48 28.77 23.26
N MET A 598 -25.76 28.33 22.04
CA MET A 598 -26.77 27.31 21.79
C MET A 598 -26.36 26.00 22.45
N GLU A 599 -25.07 25.68 22.37
CA GLU A 599 -24.56 24.46 22.96
C GLU A 599 -24.79 24.45 24.46
N LEU A 600 -24.56 25.59 25.12
CA LEU A 600 -24.78 25.68 26.55
C LEU A 600 -26.22 26.07 26.87
N GLY A 601 -26.97 26.42 25.84
CA GLY A 601 -28.36 26.80 26.01
C GLY A 601 -29.27 25.61 25.71
N SER A 609 -21.96 12.73 21.79
CA SER A 609 -21.74 14.01 22.47
C SER A 609 -21.02 15.00 21.58
N VAL A 610 -21.60 15.29 20.43
CA VAL A 610 -21.04 16.24 19.46
C VAL A 610 -21.45 17.68 19.76
N LEU A 611 -22.31 17.83 20.75
CA LEU A 611 -22.83 19.13 21.16
C LEU A 611 -21.74 20.09 21.63
N ARG A 612 -20.76 19.57 22.37
CA ARG A 612 -19.71 20.45 22.90
C ARG A 612 -18.55 20.69 21.94
N SER A 613 -18.58 20.04 20.78
CA SER A 613 -17.50 20.18 19.80
C SER A 613 -17.65 21.38 18.87
N PHE A 614 -18.72 22.15 19.03
CA PHE A 614 -18.96 23.36 18.23
C PHE A 614 -17.88 24.43 18.46
N ARG A 615 -17.36 24.50 19.69
CA ARG A 615 -16.31 25.44 20.11
C ARG A 615 -14.98 25.30 19.38
N LEU A 616 -14.69 24.10 18.86
CA LEU A 616 -13.45 23.76 18.14
C LEU A 616 -13.17 24.56 16.88
N LEU A 617 -14.20 25.12 16.26
CA LEU A 617 -14.08 25.94 15.07
C LEU A 617 -13.26 27.24 15.29
N ARG A 618 -13.20 27.75 16.54
CA ARG A 618 -12.45 28.94 16.94
C ARG A 618 -10.92 28.86 16.74
N VAL A 619 -10.38 27.64 16.66
CA VAL A 619 -8.95 27.36 16.39
C VAL A 619 -8.47 27.91 15.05
N PHE A 620 -9.38 28.00 14.07
CA PHE A 620 -9.14 28.55 12.73
C PHE A 620 -8.91 30.07 12.69
N LYS A 621 -9.18 30.79 13.79
CA LYS A 621 -8.96 32.24 13.95
C LYS A 621 -7.48 32.63 13.84
N LEU A 622 -6.57 31.70 14.15
CA LEU A 622 -5.12 31.83 14.05
C LEU A 622 -4.61 31.97 12.60
N ALA A 623 -5.43 31.60 11.60
CA ALA A 623 -5.11 31.67 10.19
C ALA A 623 -4.75 33.08 9.76
N LYS A 624 -5.40 34.11 10.31
CA LYS A 624 -5.00 35.46 9.96
C LYS A 624 -3.54 35.71 10.36
N SER A 625 -3.17 35.25 11.56
CA SER A 625 -1.80 35.40 12.06
C SER A 625 -0.82 34.29 11.65
N TRP A 626 -1.31 33.19 11.09
CA TRP A 626 -0.43 32.08 10.70
C TRP A 626 -0.36 31.96 9.18
N PRO A 627 0.83 32.11 8.60
CA PRO A 627 0.85 32.02 7.14
C PRO A 627 0.46 30.65 6.59
N THR A 628 0.88 29.57 7.22
CA THR A 628 0.59 28.24 6.66
C THR A 628 -0.83 27.74 6.92
N LEU A 629 -1.42 28.03 8.06
CA LEU A 629 -2.81 27.62 8.29
C LEU A 629 -3.71 28.31 7.30
N ASN A 630 -3.46 29.58 7.04
CA ASN A 630 -4.25 30.32 6.06
C ASN A 630 -4.16 29.64 4.71
N THR A 631 -2.98 29.12 4.36
CA THR A 631 -2.81 28.41 3.09
C THR A 631 -3.66 27.16 3.03
N LEU A 632 -3.72 26.39 4.11
CA LEU A 632 -4.57 25.21 4.15
C LEU A 632 -6.04 25.60 4.05
N ILE A 633 -6.41 26.71 4.66
CA ILE A 633 -7.79 27.19 4.58
C ILE A 633 -8.11 27.51 3.13
N LYS A 634 -7.15 28.09 2.42
CA LYS A 634 -7.37 28.41 1.02
C LYS A 634 -7.63 27.14 0.24
N ILE A 635 -6.90 26.07 0.54
CA ILE A 635 -7.09 24.81 -0.17
C ILE A 635 -8.48 24.23 0.07
N ILE A 636 -8.95 24.25 1.32
CA ILE A 636 -10.29 23.74 1.56
C ILE A 636 -11.32 24.60 0.85
N GLY A 637 -11.13 25.92 0.91
CA GLY A 637 -12.01 26.86 0.27
C GLY A 637 -11.97 26.70 -1.24
N ASN A 638 -10.77 26.46 -1.75
CA ASN A 638 -10.56 26.28 -3.17
C ASN A 638 -11.28 25.06 -3.70
N SER A 639 -11.34 24.00 -2.92
CA SER A 639 -11.99 22.77 -3.33
C SER A 639 -13.46 23.00 -3.66
N VAL A 640 -14.14 23.79 -2.84
CA VAL A 640 -15.54 24.10 -3.07
C VAL A 640 -15.69 25.41 -3.86
N GLY A 641 -14.56 26.04 -4.18
CA GLY A 641 -14.56 27.30 -4.89
C GLY A 641 -14.30 27.24 -6.39
N ALA A 642 -13.12 27.69 -6.79
CA ALA A 642 -12.73 27.73 -8.20
C ALA A 642 -12.71 26.36 -8.85
N LEU A 643 -12.28 25.36 -8.09
CA LEU A 643 -12.23 23.97 -8.54
C LEU A 643 -13.44 23.19 -8.06
N GLY A 644 -14.48 23.92 -7.67
CA GLY A 644 -15.71 23.34 -7.15
C GLY A 644 -16.42 22.44 -8.14
N ASN A 645 -16.31 22.72 -9.43
CA ASN A 645 -16.91 21.84 -10.43
C ASN A 645 -16.34 20.43 -10.37
N LEU A 646 -15.02 20.30 -10.25
CA LEU A 646 -14.38 18.98 -10.20
C LEU A 646 -14.87 18.22 -8.99
N THR A 647 -14.98 18.91 -7.86
CA THR A 647 -15.42 18.27 -6.65
C THR A 647 -16.81 17.72 -6.88
N LEU A 648 -17.64 18.46 -7.62
CA LEU A 648 -19.00 17.99 -7.80
C LEU A 648 -19.04 16.72 -8.62
N VAL A 649 -18.21 16.65 -9.66
CA VAL A 649 -18.17 15.47 -10.51
C VAL A 649 -17.76 14.26 -9.70
N LEU A 650 -16.76 14.42 -8.84
CA LEU A 650 -16.34 13.31 -8.00
C LEU A 650 -17.49 12.91 -7.13
N ALA A 651 -18.18 13.87 -6.51
CA ALA A 651 -19.35 13.52 -5.72
C ALA A 651 -20.39 12.74 -6.51
N ILE A 652 -20.75 13.23 -7.69
CA ILE A 652 -21.75 12.56 -8.51
C ILE A 652 -21.30 11.18 -8.97
N ILE A 653 -20.03 11.04 -9.36
CA ILE A 653 -19.51 9.75 -9.79
C ILE A 653 -19.58 8.75 -8.65
N VAL A 654 -19.25 9.18 -7.44
CA VAL A 654 -19.37 8.30 -6.30
C VAL A 654 -20.83 7.93 -6.10
N PHE A 655 -21.73 8.89 -6.27
CA PHE A 655 -23.15 8.56 -6.17
C PHE A 655 -23.59 7.57 -7.24
N ILE A 656 -23.16 7.77 -8.48
CA ILE A 656 -23.59 6.90 -9.55
C ILE A 656 -23.12 5.51 -9.22
N PHE A 657 -21.87 5.40 -8.79
CA PHE A 657 -21.31 4.10 -8.45
C PHE A 657 -21.99 3.48 -7.25
N ALA A 658 -22.32 4.28 -6.26
CA ALA A 658 -22.98 3.76 -5.08
C ALA A 658 -24.35 3.19 -5.37
N VAL A 659 -25.13 3.86 -6.22
CA VAL A 659 -26.43 3.32 -6.58
C VAL A 659 -26.29 2.21 -7.62
N VAL A 660 -25.35 2.36 -8.56
CA VAL A 660 -25.10 1.31 -9.53
C VAL A 660 -24.63 0.06 -8.83
N GLY A 661 -23.72 0.23 -7.88
CA GLY A 661 -23.24 -0.90 -7.13
C GLY A 661 -24.35 -1.52 -6.32
N MET A 662 -25.17 -0.68 -5.70
CA MET A 662 -26.27 -1.18 -4.87
C MET A 662 -27.30 -1.93 -5.70
N GLN A 663 -27.70 -1.35 -6.83
CA GLN A 663 -28.75 -2.00 -7.62
C GLN A 663 -28.31 -3.37 -8.10
N LEU A 664 -27.08 -3.45 -8.62
CA LEU A 664 -26.51 -4.69 -9.14
C LEU A 664 -26.23 -5.79 -8.11
N PHE A 665 -25.66 -5.43 -6.97
CA PHE A 665 -25.31 -6.43 -5.96
C PHE A 665 -26.14 -6.43 -4.69
N GLY A 666 -27.12 -5.54 -4.57
CA GLY A 666 -27.88 -5.50 -3.34
C GLY A 666 -28.62 -6.77 -3.06
N LYS A 667 -29.24 -7.35 -4.07
CA LYS A 667 -29.96 -8.60 -3.85
C LYS A 667 -29.03 -9.71 -3.43
N ASN A 668 -27.87 -9.78 -4.08
CA ASN A 668 -26.90 -10.82 -3.79
C ASN A 668 -26.33 -10.75 -2.39
N TYR A 669 -26.00 -9.55 -1.93
CA TYR A 669 -25.43 -9.41 -0.60
C TYR A 669 -26.41 -9.85 0.46
N SER A 670 -27.66 -9.44 0.32
CA SER A 670 -28.68 -9.82 1.30
C SER A 670 -29.01 -11.31 1.30
N GLU A 671 -29.16 -11.88 0.11
CA GLU A 671 -29.51 -13.29 -0.02
C GLU A 671 -28.48 -14.28 0.46
N LEU A 672 -27.22 -14.01 0.17
CA LEU A 672 -26.12 -14.91 0.49
C LEU A 672 -25.15 -14.41 1.55
N ARG A 673 -25.67 -13.83 2.62
CA ARG A 673 -24.79 -13.25 3.63
C ARG A 673 -24.01 -14.29 4.44
N HIS A 674 -24.49 -15.52 4.53
CA HIS A 674 -23.71 -16.53 5.23
C HIS A 674 -22.39 -16.83 4.54
N ARG A 675 -22.37 -16.81 3.20
CA ARG A 675 -21.14 -17.06 2.47
C ARG A 675 -20.08 -16.01 2.79
N ILE A 676 -20.41 -14.74 2.55
CA ILE A 676 -19.46 -13.66 2.80
C ILE A 676 -19.05 -13.47 4.27
N SER A 677 -19.97 -13.64 5.21
CA SER A 677 -19.65 -13.39 6.63
C SER A 677 -19.10 -14.55 7.46
N ASP A 678 -18.21 -14.24 8.41
CA ASP A 678 -17.61 -15.24 9.30
C ASP A 678 -18.64 -15.92 10.20
N SER A 679 -19.59 -15.13 10.69
CA SER A 679 -20.63 -15.60 11.58
C SER A 679 -21.98 -15.20 11.01
N GLY A 680 -23.07 -15.69 11.59
CA GLY A 680 -24.39 -15.36 11.07
C GLY A 680 -24.87 -14.00 11.53
N LEU A 681 -24.33 -12.99 10.85
CA LEU A 681 -24.61 -11.58 11.05
C LEU A 681 -24.23 -10.88 9.75
N LEU A 682 -24.71 -9.65 9.58
CA LEU A 682 -24.38 -8.92 8.37
C LEU A 682 -22.88 -8.66 8.30
N PRO A 683 -22.30 -8.71 7.08
CA PRO A 683 -20.88 -8.45 6.88
C PRO A 683 -20.61 -6.98 7.17
N ARG A 684 -19.42 -6.65 7.66
CA ARG A 684 -19.14 -5.26 8.02
C ARG A 684 -19.27 -4.34 6.82
N TRP A 685 -18.76 -4.75 5.68
CA TRP A 685 -18.90 -3.91 4.51
C TRP A 685 -19.75 -4.64 3.50
N HIS A 686 -20.80 -3.97 3.03
CA HIS A 686 -21.72 -4.53 2.05
C HIS A 686 -22.40 -3.41 1.29
N MET A 687 -23.01 -3.73 0.16
CA MET A 687 -23.70 -2.72 -0.64
C MET A 687 -25.22 -2.75 -0.55
N MET A 688 -25.78 -3.52 0.38
CA MET A 688 -27.23 -3.59 0.48
C MET A 688 -27.92 -2.27 0.83
N ASP A 689 -27.32 -1.48 1.71
CA ASP A 689 -27.88 -0.18 2.10
C ASP A 689 -27.21 0.90 1.27
N PHE A 690 -27.90 1.98 0.95
CA PHE A 690 -27.20 3.02 0.20
C PHE A 690 -26.08 3.63 1.00
N PHE A 691 -26.27 3.83 2.30
CA PHE A 691 -25.20 4.43 3.08
C PHE A 691 -23.98 3.53 3.04
N HIS A 692 -24.21 2.23 3.25
CA HIS A 692 -23.13 1.25 3.23
C HIS A 692 -22.46 1.18 1.88
N ALA A 693 -23.24 1.29 0.81
CA ALA A 693 -22.70 1.30 -0.54
C ALA A 693 -21.78 2.48 -0.72
N PHE A 694 -22.13 3.64 -0.17
CA PHE A 694 -21.25 4.78 -0.27
C PHE A 694 -19.93 4.49 0.43
N LEU A 695 -19.95 3.82 1.58
CA LEU A 695 -18.70 3.55 2.27
C LEU A 695 -17.78 2.70 1.44
N ILE A 696 -18.31 1.65 0.81
CA ILE A 696 -17.51 0.77 -0.01
C ILE A 696 -16.94 1.51 -1.20
N ILE A 697 -17.73 2.37 -1.80
CA ILE A 697 -17.23 3.18 -2.89
C ILE A 697 -16.17 4.14 -2.38
N PHE A 698 -16.39 4.69 -1.20
CA PHE A 698 -15.41 5.58 -0.62
C PHE A 698 -14.13 4.83 -0.32
N ARG A 699 -14.25 3.62 0.21
CA ARG A 699 -13.11 2.78 0.57
C ARG A 699 -12.28 2.45 -0.66
N ILE A 700 -12.93 2.20 -1.79
CA ILE A 700 -12.24 1.93 -3.05
C ILE A 700 -11.40 3.12 -3.51
N LEU A 701 -11.86 4.34 -3.25
CA LEU A 701 -11.11 5.55 -3.55
C LEU A 701 -9.80 5.60 -2.74
N CYS A 702 -9.85 5.12 -1.50
CA CYS A 702 -8.68 5.05 -0.63
C CYS A 702 -7.60 4.15 -1.19
N GLY A 703 -8.00 3.06 -1.85
CA GLY A 703 -7.04 2.13 -2.41
C GLY A 703 -7.08 0.77 -1.76
N GLU A 704 -8.12 0.50 -1.01
CA GLU A 704 -8.27 -0.76 -0.32
C GLU A 704 -9.29 -1.69 -0.98
N TRP A 705 -9.37 -1.62 -2.31
CA TRP A 705 -10.35 -2.39 -3.07
C TRP A 705 -10.32 -3.91 -2.99
N ILE A 706 -9.16 -4.54 -2.91
CA ILE A 706 -9.13 -6.00 -2.93
C ILE A 706 -9.85 -6.75 -1.80
N GLU A 707 -9.81 -6.27 -0.56
CA GLU A 707 -10.44 -7.02 0.51
C GLU A 707 -11.92 -7.18 0.29
N THR A 708 -12.56 -6.09 -0.12
CA THR A 708 -13.99 -6.13 -0.43
C THR A 708 -14.33 -6.88 -1.70
N MET A 709 -13.47 -6.80 -2.70
CA MET A 709 -13.73 -7.45 -3.98
C MET A 709 -13.88 -8.94 -3.82
N TRP A 710 -13.09 -9.59 -2.97
CA TRP A 710 -13.29 -11.03 -2.78
C TRP A 710 -14.67 -11.29 -2.20
N ASP A 711 -15.11 -10.47 -1.25
CA ASP A 711 -16.42 -10.65 -0.65
C ASP A 711 -17.58 -10.51 -1.63
N CYS A 712 -17.56 -9.52 -2.52
CA CYS A 712 -18.65 -9.41 -3.49
C CYS A 712 -18.65 -10.57 -4.45
N MET A 713 -17.44 -11.00 -4.85
CA MET A 713 -17.32 -12.10 -5.82
C MET A 713 -17.83 -13.41 -5.27
N GLU A 714 -17.71 -13.62 -3.96
CA GLU A 714 -18.25 -14.83 -3.39
C GLU A 714 -19.76 -14.87 -3.63
N VAL A 715 -20.46 -13.75 -3.41
CA VAL A 715 -21.90 -13.72 -3.66
C VAL A 715 -22.32 -13.41 -5.10
N SER A 716 -21.75 -12.38 -5.70
CA SER A 716 -22.05 -11.99 -7.08
C SER A 716 -21.58 -12.92 -8.21
N GLY A 717 -20.35 -13.39 -8.12
CA GLY A 717 -19.80 -14.18 -9.22
C GLY A 717 -18.67 -13.33 -9.77
N GLN A 718 -17.61 -13.95 -10.26
CA GLN A 718 -16.44 -13.20 -10.71
C GLN A 718 -16.64 -12.25 -11.86
N SER A 719 -17.44 -12.62 -12.84
CA SER A 719 -17.58 -11.79 -14.04
C SER A 719 -18.04 -10.37 -13.81
N LEU A 720 -19.06 -10.19 -13.00
CA LEU A 720 -19.64 -8.86 -12.82
C LEU A 720 -18.78 -8.03 -11.88
N CYS A 721 -18.38 -8.59 -10.74
CA CYS A 721 -17.64 -7.78 -9.79
C CYS A 721 -16.38 -7.20 -10.37
N LEU A 722 -15.66 -7.99 -11.13
CA LEU A 722 -14.44 -7.51 -11.71
C LEU A 722 -14.70 -6.36 -12.66
N LEU A 723 -15.75 -6.43 -13.46
CA LEU A 723 -15.97 -5.34 -14.37
C LEU A 723 -16.23 -4.01 -13.67
N VAL A 724 -17.13 -3.99 -12.69
CA VAL A 724 -17.42 -2.74 -11.96
C VAL A 724 -16.36 -2.26 -10.97
N PHE A 725 -15.82 -3.16 -10.16
CA PHE A 725 -14.83 -2.79 -9.16
C PHE A 725 -13.58 -2.26 -9.79
N LEU A 726 -13.14 -2.87 -10.89
CA LEU A 726 -11.99 -2.36 -11.61
C LEU A 726 -12.36 -1.02 -12.21
N LEU A 727 -13.58 -0.90 -12.73
CA LEU A 727 -14.02 0.36 -13.28
C LEU A 727 -14.06 1.40 -12.20
N VAL A 728 -14.58 1.04 -11.03
CA VAL A 728 -14.62 1.99 -9.94
C VAL A 728 -13.23 2.36 -9.53
N MET A 729 -12.35 1.36 -9.44
CA MET A 729 -10.98 1.61 -9.05
C MET A 729 -10.28 2.48 -10.07
N VAL A 730 -10.44 2.19 -11.35
CA VAL A 730 -9.83 3.02 -12.37
C VAL A 730 -10.44 4.41 -12.51
N ILE A 731 -11.77 4.47 -12.55
CA ILE A 731 -12.46 5.76 -12.66
C ILE A 731 -12.37 6.59 -11.39
N GLY A 732 -12.56 5.96 -10.25
CA GLY A 732 -12.52 6.70 -9.00
C GLY A 732 -11.15 7.28 -8.76
N ASN A 733 -10.12 6.49 -8.98
CA ASN A 733 -8.77 6.99 -8.81
C ASN A 733 -8.44 8.06 -9.81
N LEU A 734 -8.89 7.90 -11.04
CA LEU A 734 -8.60 8.91 -12.04
C LEU A 734 -9.20 10.26 -11.67
N VAL A 735 -10.47 10.28 -11.25
CA VAL A 735 -11.07 11.54 -10.82
C VAL A 735 -10.45 12.07 -9.53
N VAL A 736 -10.22 11.20 -8.56
CA VAL A 736 -9.64 11.63 -7.29
C VAL A 736 -8.26 12.18 -7.52
N LEU A 737 -7.47 11.53 -8.36
CA LEU A 737 -6.15 12.05 -8.65
C LEU A 737 -6.28 13.39 -9.36
N ASN A 738 -7.22 13.50 -10.29
CA ASN A 738 -7.41 14.75 -10.98
C ASN A 738 -7.84 15.85 -10.03
N LEU A 739 -8.75 15.55 -9.13
CA LEU A 739 -9.17 16.55 -8.17
C LEU A 739 -8.00 16.93 -7.29
N PHE A 740 -7.26 15.93 -6.82
CA PHE A 740 -6.16 16.17 -5.91
C PHE A 740 -5.12 17.02 -6.59
N LEU A 741 -4.78 16.70 -7.84
CA LEU A 741 -3.77 17.47 -8.55
C LEU A 741 -4.28 18.88 -8.83
N ALA A 742 -5.58 19.01 -9.03
CA ALA A 742 -6.12 20.32 -9.34
C ALA A 742 -5.89 21.26 -8.19
N LEU A 743 -6.15 20.79 -6.97
CA LEU A 743 -5.96 21.63 -5.80
C LEU A 743 -4.51 22.08 -5.72
N LEU A 744 -3.58 21.18 -5.99
CA LEU A 744 -2.17 21.51 -5.92
C LEU A 744 -1.79 22.60 -6.89
N LEU A 745 -2.29 22.51 -8.12
CA LEU A 745 -1.96 23.51 -9.12
C LEU A 745 -2.51 24.88 -8.70
N SER A 746 -3.73 24.87 -8.19
CA SER A 746 -4.41 26.07 -7.74
C SER A 746 -3.72 26.75 -6.56
N SER A 747 -3.22 25.95 -5.63
CA SER A 747 -2.58 26.46 -4.42
C SER A 747 -1.37 27.33 -4.72
N PHE A 748 -0.56 26.94 -5.71
CA PHE A 748 0.61 27.71 -6.07
C PHE A 748 0.21 29.14 -6.43
N GLY A 872 56.73 22.94 20.33
CA GLY A 872 58.10 22.79 19.87
C GLY A 872 58.20 22.01 18.58
N LYS A 873 59.42 21.61 18.22
CA LYS A 873 59.65 20.85 17.01
C LYS A 873 58.96 19.49 17.04
N VAL A 874 58.96 18.85 18.19
CA VAL A 874 58.35 17.54 18.33
C VAL A 874 56.85 17.62 18.05
N TRP A 875 56.20 18.68 18.54
CA TRP A 875 54.78 18.87 18.29
C TRP A 875 54.52 19.05 16.80
N TRP A 876 55.39 19.81 16.15
CA TRP A 876 55.28 20.05 14.71
C TRP A 876 55.43 18.73 13.96
N ARG A 877 56.37 17.90 14.40
CA ARG A 877 56.60 16.62 13.75
C ARG A 877 55.37 15.74 13.85
N LEU A 878 54.75 15.74 15.03
CA LEU A 878 53.56 14.94 15.25
C LEU A 878 52.41 15.35 14.34
N ARG A 879 52.24 16.66 14.16
CA ARG A 879 51.18 17.16 13.32
C ARG A 879 51.33 16.72 11.87
N LYS A 880 52.56 16.77 11.36
CA LYS A 880 52.79 16.39 9.97
C LYS A 880 52.47 14.92 9.68
N THR A 881 52.92 14.01 10.53
CA THR A 881 52.65 12.60 10.30
C THR A 881 51.17 12.22 10.42
N CYS A 882 50.51 12.75 11.45
CA CYS A 882 49.09 12.46 11.68
C CYS A 882 48.25 13.00 10.54
N TYR A 883 48.58 14.19 10.07
CA TYR A 883 47.84 14.78 8.98
C TYR A 883 47.99 13.92 7.72
N ARG A 884 49.20 13.44 7.48
CA ARG A 884 49.48 12.60 6.31
C ARG A 884 48.74 11.27 6.33
N ILE A 885 48.71 10.59 7.46
CA ILE A 885 48.04 9.29 7.53
C ILE A 885 46.53 9.38 7.31
N VAL A 886 45.90 10.40 7.88
CA VAL A 886 44.47 10.59 7.70
C VAL A 886 44.15 10.85 6.24
N GLU A 887 44.99 11.67 5.61
CA GLU A 887 44.86 12.02 4.20
C GLU A 887 45.03 10.82 3.27
N HIS A 888 45.92 9.91 3.64
CA HIS A 888 46.20 8.75 2.82
C HIS A 888 44.91 7.97 2.56
N SER A 889 44.73 7.56 1.32
CA SER A 889 43.53 6.84 0.89
C SER A 889 43.30 5.49 1.55
N TRP A 890 44.35 4.70 1.74
CA TRP A 890 44.19 3.39 2.34
C TRP A 890 43.65 3.49 3.76
N PHE A 891 44.12 4.46 4.53
CA PHE A 891 43.63 4.62 5.88
C PHE A 891 42.15 4.97 5.89
N GLU A 892 41.74 5.86 4.99
CA GLU A 892 40.33 6.24 4.92
C GLU A 892 39.50 5.04 4.55
N THR A 893 39.99 4.28 3.56
CA THR A 893 39.31 3.07 3.11
C THR A 893 39.28 2.03 4.20
N PHE A 894 40.36 1.93 4.96
CA PHE A 894 40.42 0.94 6.02
C PHE A 894 39.35 1.20 7.05
N ILE A 895 39.16 2.45 7.42
CA ILE A 895 38.11 2.80 8.38
C ILE A 895 36.75 2.47 7.80
N ILE A 896 36.56 2.76 6.51
CA ILE A 896 35.28 2.50 5.84
C ILE A 896 34.98 1.01 5.88
N PHE A 897 35.99 0.19 5.63
CA PHE A 897 35.82 -1.25 5.74
C PHE A 897 35.55 -1.63 7.18
N MET A 898 36.24 -0.96 8.11
CA MET A 898 36.05 -1.23 9.52
C MET A 898 34.63 -0.93 9.98
N ILE A 899 34.05 0.18 9.53
CA ILE A 899 32.68 0.49 9.95
C ILE A 899 31.71 -0.56 9.46
N LEU A 900 31.90 -1.04 8.23
CA LEU A 900 31.04 -2.08 7.68
C LEU A 900 31.18 -3.33 8.53
N LEU A 901 32.42 -3.67 8.90
CA LEU A 901 32.65 -4.82 9.76
C LEU A 901 32.02 -4.60 11.13
N SER A 902 32.10 -3.36 11.64
CA SER A 902 31.53 -3.03 12.93
C SER A 902 30.02 -3.20 12.89
N SER A 903 29.41 -2.79 11.80
CA SER A 903 27.96 -2.91 11.59
C SER A 903 27.54 -4.38 11.58
N GLY A 904 28.37 -5.22 10.99
CA GLY A 904 28.14 -6.66 10.91
C GLY A 904 28.07 -7.31 12.27
N ALA A 905 28.87 -6.83 13.21
CA ALA A 905 28.89 -7.37 14.57
C ALA A 905 27.52 -7.25 15.25
N LEU A 906 26.82 -6.15 15.01
CA LEU A 906 25.49 -5.90 15.56
C LEU A 906 24.47 -6.95 15.08
N ALA A 907 24.62 -7.41 13.84
CA ALA A 907 23.73 -8.41 13.25
C ALA A 907 23.69 -9.73 14.02
N PHE A 908 24.81 -10.13 14.61
CA PHE A 908 24.90 -11.37 15.38
C PHE A 908 24.56 -11.19 16.86
N GLU A 909 24.01 -10.03 17.22
CA GLU A 909 23.66 -9.70 18.60
C GLU A 909 22.20 -10.02 18.96
N ASP A 910 21.60 -10.93 18.20
CA ASP A 910 20.22 -11.36 18.38
C ASP A 910 20.06 -12.41 19.48
N ILE A 911 18.87 -12.99 19.61
CA ILE A 911 18.57 -13.95 20.68
C ILE A 911 19.31 -15.29 20.70
N TYR A 912 19.97 -15.65 19.61
CA TYR A 912 20.68 -16.92 19.53
C TYR A 912 22.12 -16.86 20.03
N LEU A 913 22.52 -15.74 20.61
CA LEU A 913 23.90 -15.57 21.08
C LEU A 913 24.33 -16.59 22.11
N GLU A 914 23.44 -16.96 23.04
CA GLU A 914 23.82 -17.95 24.04
C GLU A 914 24.19 -19.28 23.39
N GLU A 915 23.39 -19.68 22.40
CA GLU A 915 23.66 -20.90 21.68
C GLU A 915 25.00 -20.78 20.96
N ARG A 916 25.24 -19.63 20.33
CA ARG A 916 26.49 -19.41 19.60
C ARG A 916 27.62 -18.89 20.48
N LYS A 917 28.16 -19.77 21.32
CA LYS A 917 29.23 -19.42 22.23
C LYS A 917 30.55 -19.01 21.55
N THR A 918 30.93 -19.72 20.49
CA THR A 918 32.19 -19.39 19.83
C THR A 918 32.17 -17.98 19.27
N ILE A 919 31.08 -17.62 18.62
CA ILE A 919 30.93 -16.28 18.07
C ILE A 919 30.80 -15.23 19.18
N LYS A 920 30.15 -15.60 20.26
CA LYS A 920 29.91 -14.68 21.35
C LYS A 920 31.19 -14.13 21.95
N VAL A 921 32.17 -15.00 22.19
CA VAL A 921 33.43 -14.53 22.74
C VAL A 921 34.14 -13.62 21.74
N LEU A 922 34.08 -13.99 20.47
CA LEU A 922 34.72 -13.20 19.43
C LEU A 922 34.11 -11.81 19.35
N LEU A 923 32.79 -11.73 19.47
CA LEU A 923 32.10 -10.45 19.42
C LEU A 923 32.57 -9.55 20.57
N GLU A 924 32.69 -10.14 21.75
CA GLU A 924 33.14 -9.38 22.91
C GLU A 924 34.55 -8.87 22.66
N TYR A 925 35.41 -9.74 22.13
CA TYR A 925 36.78 -9.36 21.83
C TYR A 925 36.78 -8.28 20.76
N ALA A 926 35.93 -8.47 19.76
CA ALA A 926 35.83 -7.51 18.67
C ALA A 926 35.33 -6.17 19.16
N ASP A 927 34.29 -6.18 19.98
CA ASP A 927 33.70 -4.93 20.45
C ASP A 927 34.77 -4.00 21.00
N LYS A 928 35.66 -4.54 21.83
CA LYS A 928 36.70 -3.72 22.42
C LYS A 928 37.61 -3.15 21.34
N MET A 929 37.95 -3.97 20.36
CA MET A 929 38.80 -3.50 19.26
C MET A 929 38.11 -2.39 18.49
N PHE A 930 36.82 -2.55 18.25
CA PHE A 930 36.08 -1.55 17.51
C PHE A 930 36.10 -0.24 18.26
N THR A 931 35.88 -0.30 19.57
CA THR A 931 35.81 0.94 20.32
C THR A 931 37.15 1.62 20.23
N TYR A 932 38.22 0.85 20.37
CA TYR A 932 39.55 1.42 20.33
C TYR A 932 39.91 2.03 18.98
N VAL A 933 39.59 1.35 17.89
CA VAL A 933 39.97 1.87 16.59
C VAL A 933 39.23 3.16 16.30
N PHE A 934 37.95 3.21 16.62
CA PHE A 934 37.18 4.42 16.43
C PHE A 934 37.62 5.57 17.31
N VAL A 935 37.93 5.28 18.57
CA VAL A 935 38.46 6.33 19.45
C VAL A 935 39.81 6.84 18.97
N LEU A 936 40.65 5.93 18.49
CA LEU A 936 41.95 6.33 17.95
C LEU A 936 41.66 7.23 16.77
N GLU A 937 40.69 6.84 15.97
CA GLU A 937 40.36 7.63 14.80
C GLU A 937 39.94 9.03 15.24
N MET A 938 39.15 9.12 16.31
CA MET A 938 38.68 10.40 16.81
C MET A 938 39.82 11.29 17.29
N LEU A 939 40.77 10.71 18.02
CA LEU A 939 41.90 11.47 18.51
C LEU A 939 42.77 11.97 17.35
N LEU A 940 42.94 11.13 16.35
CA LEU A 940 43.74 11.46 15.18
C LEU A 940 43.19 12.68 14.45
N LYS A 941 41.86 12.75 14.34
CA LYS A 941 41.22 13.89 13.70
C LYS A 941 41.54 15.17 14.46
N TRP A 942 41.51 15.10 15.79
CA TRP A 942 41.79 16.25 16.62
C TRP A 942 43.19 16.76 16.38
N VAL A 943 44.16 15.85 16.33
CA VAL A 943 45.54 16.27 16.14
C VAL A 943 45.77 16.94 14.78
N ALA A 944 45.17 16.36 13.75
CA ALA A 944 45.32 16.87 12.38
C ALA A 944 44.76 18.26 12.11
N TYR A 945 43.56 18.55 12.61
CA TYR A 945 42.95 19.84 12.33
C TYR A 945 42.74 20.77 13.51
N GLY A 946 42.85 20.25 14.72
CA GLY A 946 42.62 21.05 15.91
C GLY A 946 41.19 20.91 16.36
N PHE A 947 40.92 21.26 17.61
CA PHE A 947 39.57 21.13 18.11
C PHE A 947 38.57 22.01 17.36
N LYS A 948 38.98 23.24 17.06
CA LYS A 948 38.08 24.16 16.37
C LYS A 948 37.66 23.67 15.00
N LYS A 949 38.61 23.18 14.21
CA LYS A 949 38.30 22.69 12.87
C LYS A 949 37.43 21.43 12.84
N TYR A 950 37.74 20.49 13.71
CA TYR A 950 37.00 19.24 13.77
C TYR A 950 35.56 19.38 14.17
N PHE A 951 35.30 20.21 15.19
CA PHE A 951 33.95 20.41 15.70
C PHE A 951 32.97 21.13 14.80
N THR A 952 33.48 21.89 13.84
CA THR A 952 32.60 22.63 12.94
C THR A 952 31.70 21.70 12.15
N ASN A 953 32.24 20.57 11.68
CA ASN A 953 31.45 19.62 10.92
C ASN A 953 30.41 18.85 11.73
N ALA A 954 29.21 18.76 11.20
CA ALA A 954 28.13 18.05 11.86
C ALA A 954 28.43 16.57 12.00
N TRP A 955 29.00 15.99 10.96
CA TRP A 955 29.31 14.56 10.96
C TRP A 955 30.30 14.19 12.06
N CYS A 956 31.27 15.05 12.31
CA CYS A 956 32.26 14.79 13.35
C CYS A 956 31.57 14.71 14.71
N TRP A 957 30.60 15.59 14.94
CA TRP A 957 29.81 15.55 16.17
C TRP A 957 29.03 14.24 16.23
N LEU A 958 28.48 13.83 15.08
CA LEU A 958 27.74 12.59 14.97
C LEU A 958 28.67 11.42 15.29
N ASP A 959 29.87 11.45 14.76
CA ASP A 959 30.83 10.38 15.02
C ASP A 959 31.17 10.38 16.50
N PHE A 960 31.36 11.56 17.07
CA PHE A 960 31.77 11.67 18.46
C PHE A 960 30.73 11.05 19.40
N LEU A 961 29.46 11.29 19.12
CA LEU A 961 28.43 10.77 20.02
C LEU A 961 28.40 9.25 20.06
N ILE A 962 28.53 8.61 18.91
CA ILE A 962 28.50 7.15 18.85
C ILE A 962 29.66 6.52 19.61
N VAL A 963 30.87 7.07 19.44
CA VAL A 963 32.03 6.48 20.09
C VAL A 963 31.96 6.74 21.58
N ASP A 964 31.34 7.84 21.99
CA ASP A 964 31.18 8.18 23.38
C ASP A 964 30.24 7.19 24.07
N VAL A 965 29.16 6.83 23.39
CA VAL A 965 28.24 5.87 23.99
C VAL A 965 28.96 4.56 24.22
N SER A 966 29.71 4.10 23.22
CA SER A 966 30.44 2.85 23.35
C SER A 966 31.53 2.95 24.41
N LEU A 967 32.26 4.05 24.41
CA LEU A 967 33.32 4.24 25.39
C LEU A 967 32.75 4.30 26.80
N VAL A 968 31.62 4.99 26.94
CA VAL A 968 30.97 5.07 28.25
C VAL A 968 30.54 3.69 28.71
N SER A 969 30.02 2.88 27.80
CA SER A 969 29.65 1.53 28.15
C SER A 969 30.90 0.74 28.54
N LEU A 970 31.98 0.94 27.78
CA LEU A 970 33.24 0.27 28.05
C LEU A 970 33.84 0.66 29.40
N VAL A 971 33.84 1.95 29.72
CA VAL A 971 34.39 2.41 31.00
C VAL A 971 33.57 1.86 32.16
N ALA A 972 32.26 1.79 32.00
CA ALA A 972 31.42 1.27 33.06
C ALA A 972 31.79 -0.19 33.32
N ASN A 973 32.00 -0.97 32.26
CA ASN A 973 32.36 -2.37 32.47
C ASN A 973 33.69 -2.52 33.20
N THR A 974 34.70 -1.76 32.77
CA THR A 974 36.02 -1.79 33.40
C THR A 974 36.08 -1.24 34.83
N LEU A 975 35.33 -0.17 35.09
CA LEU A 975 35.33 0.48 36.39
C LEU A 975 34.42 -0.14 37.45
N GLY A 976 33.66 -1.16 37.08
CA GLY A 976 32.78 -1.81 38.04
C GLY A 976 31.38 -1.24 38.12
N PHE A 977 30.60 -1.75 39.09
CA PHE A 977 29.20 -1.37 39.30
C PHE A 977 28.34 -1.60 38.05
N ALA A 978 28.60 -2.73 37.39
CA ALA A 978 27.90 -3.16 36.19
C ALA A 978 26.56 -3.82 36.46
N GLU A 979 25.81 -4.02 35.38
CA GLU A 979 24.48 -4.64 35.39
C GLU A 979 23.44 -3.92 36.24
N MET A 980 23.50 -2.59 36.25
CA MET A 980 22.56 -1.79 37.02
C MET A 980 22.14 -0.52 36.28
N GLY A 981 20.96 -0.01 36.63
CA GLY A 981 20.44 1.20 36.04
C GLY A 981 20.20 1.21 34.54
N PRO A 982 20.73 2.24 33.87
CA PRO A 982 20.60 2.52 32.43
C PRO A 982 21.75 1.98 31.59
N ILE A 983 22.64 1.16 32.15
CA ILE A 983 23.75 0.66 31.35
C ILE A 983 23.25 -0.17 30.16
N LYS A 984 22.17 -0.92 30.34
CA LYS A 984 21.60 -1.67 29.23
C LYS A 984 21.18 -0.72 28.10
N SER A 985 20.66 0.45 28.47
CA SER A 985 20.21 1.42 27.47
C SER A 985 21.35 1.95 26.61
N LEU A 986 22.50 2.19 27.22
CA LEU A 986 23.66 2.63 26.45
C LEU A 986 24.02 1.57 25.44
N ARG A 987 23.92 0.30 25.85
CA ARG A 987 24.22 -0.78 24.93
C ARG A 987 23.29 -0.83 23.72
N THR A 988 22.01 -0.53 23.91
CA THR A 988 21.07 -0.53 22.78
C THR A 988 21.41 0.57 21.82
N LEU A 989 21.99 1.65 22.31
CA LEU A 989 22.30 2.81 21.47
C LEU A 989 23.40 2.58 20.45
N ARG A 990 24.16 1.49 20.58
CA ARG A 990 25.24 1.20 19.63
C ARG A 990 24.66 0.69 18.34
N ALA A 991 23.35 0.85 18.16
CA ALA A 991 22.69 0.44 16.94
C ALA A 991 22.88 1.57 15.96
N LEU A 992 23.49 2.64 16.42
CA LEU A 992 23.74 3.79 15.57
C LEU A 992 25.10 3.73 14.89
N ARG A 993 25.81 2.62 15.05
CA ARG A 993 27.11 2.47 14.37
C ARG A 993 26.96 2.55 12.85
N PRO A 994 25.87 2.02 12.28
CA PRO A 994 25.78 2.18 10.83
C PRO A 994 25.77 3.62 10.38
N LEU A 995 25.36 4.55 11.23
CA LEU A 995 25.28 5.95 10.83
C LEU A 995 26.65 6.50 10.40
N ARG A 996 27.72 6.13 11.09
CA ARG A 996 29.06 6.59 10.71
C ARG A 996 29.32 6.37 9.24
N ALA A 997 28.75 5.32 8.68
CA ALA A 997 28.96 4.98 7.27
C ALA A 997 28.46 6.07 6.32
N LEU A 998 27.39 6.76 6.71
CA LEU A 998 26.82 7.83 5.91
C LEU A 998 27.81 8.95 5.65
N SER A 999 28.62 9.29 6.64
CA SER A 999 29.58 10.37 6.46
C SER A 999 30.62 10.10 5.36
N ARG A 1000 31.13 8.88 5.28
CA ARG A 1000 32.15 8.55 4.28
C ARG A 1000 31.67 8.08 2.90
N PHE A 1001 30.38 7.81 2.77
CA PHE A 1001 29.84 7.37 1.50
C PHE A 1001 29.33 8.62 0.83
N GLU A 1002 29.80 8.90 -0.38
CA GLU A 1002 29.38 10.12 -1.06
C GLU A 1002 27.90 10.10 -1.43
N GLY A 1003 27.38 8.93 -1.80
CA GLY A 1003 25.96 8.84 -2.10
C GLY A 1003 25.08 9.02 -0.88
N MET A 1004 25.42 8.37 0.22
CA MET A 1004 24.64 8.49 1.44
C MET A 1004 24.76 9.87 2.07
N ARG A 1005 25.92 10.49 1.96
CA ARG A 1005 26.11 11.84 2.50
C ARG A 1005 25.32 12.91 1.78
N VAL A 1006 25.28 12.87 0.45
CA VAL A 1006 24.52 13.90 -0.26
C VAL A 1006 23.01 13.82 0.00
N VAL A 1007 22.45 12.63 -0.01
CA VAL A 1007 21.01 12.49 0.23
C VAL A 1007 20.62 12.90 1.64
N VAL A 1008 21.43 12.54 2.61
CA VAL A 1008 21.13 12.88 3.99
C VAL A 1008 21.13 14.39 4.19
N ASN A 1009 22.09 15.07 3.58
CA ASN A 1009 22.16 16.52 3.71
C ASN A 1009 20.96 17.22 3.12
N ALA A 1010 20.51 16.77 1.96
CA ALA A 1010 19.35 17.38 1.32
C ALA A 1010 18.10 17.18 2.16
N LEU A 1011 17.93 16.00 2.73
CA LEU A 1011 16.74 15.71 3.54
C LEU A 1011 16.67 16.59 4.78
N VAL A 1012 17.80 16.78 5.45
CA VAL A 1012 17.81 17.58 6.68
C VAL A 1012 17.80 19.06 6.33
N GLY A 1013 18.35 19.41 5.18
CA GLY A 1013 18.32 20.81 4.76
C GLY A 1013 16.91 21.37 4.61
N ALA A 1014 15.99 20.53 4.15
CA ALA A 1014 14.61 20.95 3.96
C ALA A 1014 13.75 20.77 5.20
N ILE A 1015 14.34 20.35 6.32
CA ILE A 1015 13.60 20.13 7.56
C ILE A 1015 12.91 21.36 8.13
N PRO A 1016 13.54 22.53 8.05
CA PRO A 1016 12.84 23.69 8.60
C PRO A 1016 11.54 23.96 7.85
N SER A 1017 11.55 23.85 6.53
CA SER A 1017 10.34 24.08 5.73
C SER A 1017 9.27 23.06 6.08
N ILE A 1018 9.68 21.81 6.26
CA ILE A 1018 8.77 20.74 6.62
C ILE A 1018 8.19 20.96 8.00
N MET A 1019 8.98 21.51 8.90
CA MET A 1019 8.53 21.70 10.28
C MET A 1019 7.32 22.60 10.49
N ASN A 1020 7.23 23.74 9.82
CA ASN A 1020 6.04 24.58 10.01
C ASN A 1020 4.78 23.86 9.56
N VAL A 1021 4.87 23.16 8.44
CA VAL A 1021 3.77 22.37 7.91
C VAL A 1021 3.35 21.26 8.84
N LEU A 1022 4.32 20.66 9.54
CA LEU A 1022 4.01 19.62 10.51
C LEU A 1022 3.15 20.21 11.63
N LEU A 1023 3.43 21.44 12.07
CA LEU A 1023 2.63 22.09 13.08
C LEU A 1023 1.19 22.27 12.59
N VAL A 1024 1.02 22.66 11.33
CA VAL A 1024 -0.32 22.86 10.79
C VAL A 1024 -1.08 21.55 10.78
N CYS A 1025 -0.40 20.47 10.41
CA CYS A 1025 -1.01 19.16 10.46
C CYS A 1025 -1.29 18.81 11.91
N LEU A 1026 -0.36 19.13 12.81
CA LEU A 1026 -0.61 18.86 14.21
C LEU A 1026 -1.82 19.64 14.69
N ILE A 1027 -1.91 20.91 14.31
CA ILE A 1027 -3.06 21.69 14.71
C ILE A 1027 -4.34 21.14 14.09
N PHE A 1028 -4.28 20.78 12.81
CA PHE A 1028 -5.46 20.24 12.14
C PHE A 1028 -5.85 18.94 12.78
N TRP A 1029 -4.87 18.09 13.08
CA TRP A 1029 -5.12 16.82 13.75
C TRP A 1029 -5.61 17.04 15.18
N LEU A 1030 -5.14 18.12 15.82
CA LEU A 1030 -5.55 18.43 17.18
C LEU A 1030 -7.06 18.64 17.26
N ILE A 1031 -7.64 19.31 16.28
CA ILE A 1031 -9.08 19.54 16.29
C ILE A 1031 -9.79 18.22 16.27
N PHE A 1032 -9.37 17.32 15.39
CA PHE A 1032 -10.00 16.01 15.30
C PHE A 1032 -9.81 15.13 16.52
N SER A 1033 -8.62 15.12 17.08
CA SER A 1033 -8.37 14.30 18.26
C SER A 1033 -9.21 14.80 19.42
N ILE A 1034 -9.28 16.11 19.60
CA ILE A 1034 -10.09 16.68 20.68
C ILE A 1034 -11.55 16.37 20.42
N MET A 1035 -11.97 16.47 19.17
CA MET A 1035 -13.35 16.17 18.81
C MET A 1035 -13.58 14.69 19.00
N GLY A 1036 -12.60 13.89 18.62
CA GLY A 1036 -12.75 12.46 18.77
C GLY A 1036 -12.94 12.10 20.23
N VAL A 1037 -12.20 12.74 21.13
CA VAL A 1037 -12.32 12.44 22.54
C VAL A 1037 -13.71 12.76 23.06
N ASN A 1038 -14.32 13.87 22.63
CA ASN A 1038 -15.65 14.17 23.12
C ASN A 1038 -16.60 13.08 22.69
N LEU A 1039 -16.51 12.73 21.41
CA LEU A 1039 -17.32 11.68 20.82
C LEU A 1039 -17.04 10.27 21.31
N PHE A 1040 -15.77 9.93 21.45
CA PHE A 1040 -15.39 8.56 21.80
C PHE A 1040 -14.67 8.19 23.08
N ALA A 1041 -14.34 9.12 23.97
CA ALA A 1041 -13.57 8.69 25.12
C ALA A 1041 -14.37 7.80 26.04
N GLY A 1042 -13.86 6.60 26.25
CA GLY A 1042 -14.44 5.60 27.11
C GLY A 1042 -15.43 4.67 26.44
N LYS A 1043 -15.92 5.07 25.27
CA LYS A 1043 -16.87 4.29 24.48
C LYS A 1043 -16.24 3.03 23.92
N PHE A 1044 -14.96 3.15 23.53
CA PHE A 1044 -14.23 2.05 22.89
C PHE A 1044 -14.00 0.78 23.68
N GLY A 1045 -13.90 0.90 24.99
CA GLY A 1045 -13.59 -0.27 25.78
C GLY A 1045 -14.67 -1.28 25.63
N ARG A 1046 -14.32 -2.56 25.53
CA ARG A 1046 -15.36 -3.51 25.23
C ARG A 1046 -15.19 -4.99 25.42
N CYS A 1047 -14.03 -5.47 25.84
CA CYS A 1047 -13.88 -6.94 25.85
C CYS A 1047 -14.81 -7.84 26.66
N ILE A 1048 -14.80 -9.10 26.24
CA ILE A 1048 -15.58 -10.19 26.81
C ILE A 1048 -14.65 -11.22 27.41
N ASN A 1049 -15.17 -12.43 27.55
CA ASN A 1049 -14.45 -13.53 28.14
C ASN A 1049 -13.21 -13.90 27.33
N GLN A 1050 -12.19 -14.37 28.03
CA GLN A 1050 -10.91 -14.69 27.43
C GLN A 1050 -10.98 -15.74 26.34
N THR A 1051 -11.83 -16.75 26.52
CA THR A 1051 -11.91 -17.80 25.52
C THR A 1051 -12.36 -17.32 24.14
N GLU A 1052 -13.37 -16.46 24.09
CA GLU A 1052 -13.86 -15.95 22.80
C GLU A 1052 -12.88 -15.07 22.02
N GLY A 1053 -12.23 -14.14 22.70
CA GLY A 1053 -11.29 -13.23 22.07
C GLY A 1053 -11.91 -12.01 21.39
N ASP A 1054 -13.24 -11.89 21.47
CA ASP A 1054 -14.00 -10.78 20.87
C ASP A 1054 -15.15 -10.40 21.78
N LEU A 1055 -15.77 -9.25 21.56
CA LEU A 1055 -16.83 -8.75 22.42
C LEU A 1055 -18.05 -9.67 22.58
N PRO A 1056 -18.64 -9.68 23.79
CA PRO A 1056 -19.77 -10.43 24.33
C PRO A 1056 -21.08 -9.84 23.85
N LEU A 1057 -22.21 -10.53 24.04
CA LEU A 1057 -23.47 -9.98 23.58
C LEU A 1057 -23.70 -8.66 24.29
N ASN A 1058 -23.88 -7.64 23.47
CA ASN A 1058 -24.04 -6.25 23.86
C ASN A 1058 -25.27 -5.90 24.68
N TYR A 1059 -26.41 -6.43 24.27
CA TYR A 1059 -27.65 -6.16 24.97
C TYR A 1059 -28.06 -7.34 25.82
N THR A 1060 -27.18 -8.33 25.93
CA THR A 1060 -27.51 -9.51 26.71
C THR A 1060 -27.04 -10.02 28.07
N ILE A 1061 -25.72 -10.15 28.24
CA ILE A 1061 -25.19 -10.68 29.49
C ILE A 1061 -24.47 -9.46 30.04
N VAL A 1062 -23.73 -8.75 29.21
CA VAL A 1062 -23.03 -7.56 29.69
C VAL A 1062 -23.36 -6.36 28.84
N ASN A 1063 -23.80 -5.26 29.47
CA ASN A 1063 -24.18 -4.04 28.75
C ASN A 1063 -23.36 -2.84 29.18
N ASN A 1064 -22.75 -2.90 30.35
CA ASN A 1064 -21.97 -1.79 30.89
C ASN A 1064 -20.67 -2.23 31.51
N LYS A 1065 -19.72 -1.30 31.64
CA LYS A 1065 -18.46 -1.63 32.27
C LYS A 1065 -18.72 -2.03 33.72
N SER A 1066 -19.58 -1.29 34.40
CA SER A 1066 -19.94 -1.58 35.79
C SER A 1066 -20.62 -2.94 35.87
N GLU A 1067 -21.48 -3.22 34.90
CA GLU A 1067 -22.19 -4.51 34.82
C GLU A 1067 -21.20 -5.65 34.61
N CYS A 1068 -20.17 -5.40 33.82
CA CYS A 1068 -19.15 -6.39 33.53
C CYS A 1068 -18.45 -6.82 34.81
N GLU A 1069 -18.14 -5.86 35.68
CA GLU A 1069 -17.50 -6.15 36.95
C GLU A 1069 -18.40 -7.01 37.82
N SER A 1070 -19.69 -6.69 37.81
CA SER A 1070 -20.67 -7.42 38.61
C SER A 1070 -20.76 -8.89 38.20
N PHE A 1071 -20.68 -9.14 36.90
CA PHE A 1071 -20.76 -10.49 36.37
C PHE A 1071 -19.45 -11.25 36.40
N ASN A 1072 -18.36 -10.57 36.76
CA ASN A 1072 -17.04 -11.20 36.74
C ASN A 1072 -16.83 -12.15 37.91
N VAL A 1073 -17.81 -12.99 38.20
CA VAL A 1073 -17.63 -13.97 39.25
C VAL A 1073 -16.50 -14.88 38.78
N THR A 1074 -16.55 -15.26 37.51
CA THR A 1074 -15.47 -16.04 36.94
C THR A 1074 -14.36 -15.08 36.56
N GLY A 1075 -13.14 -15.57 36.44
CA GLY A 1075 -12.05 -14.71 36.01
C GLY A 1075 -12.10 -14.40 34.54
N GLU A 1076 -12.98 -15.06 33.80
CA GLU A 1076 -13.00 -14.90 32.34
C GLU A 1076 -13.27 -13.53 31.73
N LEU A 1077 -14.18 -12.74 32.26
CA LEU A 1077 -14.53 -11.47 31.61
C LEU A 1077 -13.57 -10.32 31.90
N TYR A 1078 -12.73 -9.94 30.93
CA TYR A 1078 -11.83 -8.81 31.13
C TYR A 1078 -12.35 -7.61 30.37
N TRP A 1079 -12.50 -6.46 31.01
CA TRP A 1079 -12.99 -5.30 30.28
C TRP A 1079 -11.77 -4.55 29.79
N THR A 1080 -11.46 -4.72 28.52
CA THR A 1080 -10.26 -4.13 27.95
C THR A 1080 -10.50 -3.17 26.82
N LYS A 1081 -9.89 -2.00 26.88
CA LYS A 1081 -10.02 -1.01 25.81
C LYS A 1081 -9.27 -1.47 24.58
N VAL A 1082 -9.69 -1.05 23.40
CA VAL A 1082 -8.97 -1.42 22.19
C VAL A 1082 -7.60 -0.74 22.23
N LYS A 1083 -6.58 -1.42 21.72
CA LYS A 1083 -5.21 -0.92 21.70
C LYS A 1083 -5.04 0.56 21.28
N VAL A 1084 -5.57 0.91 20.11
CA VAL A 1084 -5.42 2.26 19.62
C VAL A 1084 -6.79 2.91 19.65
N ASN A 1085 -6.92 3.98 20.41
CA ASN A 1085 -8.20 4.65 20.58
C ASN A 1085 -8.02 6.07 21.01
N PHE A 1086 -9.08 6.87 20.92
CA PHE A 1086 -9.04 8.24 21.38
C PHE A 1086 -9.57 8.24 22.80
N ASP A 1087 -8.69 8.16 23.79
CA ASP A 1087 -9.05 8.25 25.21
C ASP A 1087 -8.36 9.44 25.84
N ASN A 1088 -7.31 9.91 25.18
CA ASN A 1088 -6.49 11.05 25.56
C ASN A 1088 -6.16 11.78 24.27
N VAL A 1089 -5.81 13.06 24.33
CA VAL A 1089 -5.44 13.72 23.07
C VAL A 1089 -4.20 13.07 22.47
N GLY A 1090 -3.22 12.71 23.30
CA GLY A 1090 -2.03 12.04 22.79
C GLY A 1090 -2.39 10.72 22.16
N ALA A 1091 -3.27 9.95 22.80
CA ALA A 1091 -3.73 8.67 22.28
C ALA A 1091 -4.50 8.85 20.98
N GLY A 1092 -5.27 9.93 20.93
CA GLY A 1092 -6.07 10.29 19.77
C GLY A 1092 -5.18 10.56 18.58
N TYR A 1093 -4.04 11.18 18.80
CA TYR A 1093 -3.11 11.46 17.71
C TYR A 1093 -2.61 10.18 17.06
N LEU A 1094 -2.35 9.16 17.87
CA LEU A 1094 -1.93 7.87 17.35
C LEU A 1094 -3.03 7.24 16.52
N ALA A 1095 -4.25 7.31 17.00
CA ALA A 1095 -5.39 6.73 16.33
C ALA A 1095 -5.64 7.38 15.00
N LEU A 1096 -5.47 8.68 14.93
CA LEU A 1096 -5.64 9.40 13.68
C LEU A 1096 -4.60 8.96 12.67
N LEU A 1097 -3.37 8.73 13.12
CA LEU A 1097 -2.32 8.32 12.19
C LEU A 1097 -2.66 7.02 11.52
N GLN A 1098 -3.19 6.06 12.26
CA GLN A 1098 -3.57 4.82 11.61
C GLN A 1098 -4.67 5.08 10.61
N VAL A 1099 -5.67 5.86 10.97
CA VAL A 1099 -6.76 6.17 10.05
C VAL A 1099 -6.26 6.99 8.87
N ALA A 1100 -5.38 7.94 9.13
CA ALA A 1100 -4.88 8.77 8.06
C ALA A 1100 -4.09 7.99 7.04
N THR A 1101 -3.28 7.04 7.48
CA THR A 1101 -2.47 6.24 6.55
C THR A 1101 -3.21 5.08 5.91
N PHE A 1102 -4.43 4.83 6.39
CA PHE A 1102 -5.39 3.80 5.96
C PHE A 1102 -5.00 2.40 6.35
N LYS A 1103 -4.07 2.27 7.29
CA LYS A 1103 -3.64 0.98 7.74
C LYS A 1103 -4.06 0.83 9.18
N GLY A 1104 -4.87 -0.19 9.47
CA GLY A 1104 -5.37 -0.40 10.81
C GLY A 1104 -6.60 0.39 11.16
N TRP A 1105 -7.14 1.10 10.18
CA TRP A 1105 -8.35 1.88 10.36
C TRP A 1105 -9.56 1.02 10.67
N MET A 1106 -9.62 -0.18 10.14
CA MET A 1106 -10.78 -1.02 10.36
C MET A 1106 -11.02 -1.28 11.83
N ASP A 1107 -10.01 -1.66 12.59
CA ASP A 1107 -10.29 -1.90 14.00
C ASP A 1107 -10.67 -0.63 14.75
N ILE A 1108 -10.05 0.49 14.39
CA ILE A 1108 -10.36 1.75 15.02
C ILE A 1108 -11.80 2.10 14.74
N MET A 1109 -12.21 1.93 13.49
CA MET A 1109 -13.58 2.22 13.09
C MET A 1109 -14.65 1.33 13.66
N TYR A 1110 -14.43 0.03 13.68
CA TYR A 1110 -15.45 -0.84 14.23
C TYR A 1110 -15.64 -0.54 15.70
N ALA A 1111 -14.58 -0.29 16.45
CA ALA A 1111 -14.79 0.07 17.84
C ALA A 1111 -15.53 1.40 17.89
N ALA A 1112 -15.13 2.36 17.05
CA ALA A 1112 -15.76 3.67 17.00
C ALA A 1112 -17.21 3.77 16.56
N VAL A 1113 -17.58 3.04 15.51
CA VAL A 1113 -18.94 3.11 15.00
C VAL A 1113 -19.87 2.14 15.66
N ASP A 1114 -19.38 1.36 16.61
CA ASP A 1114 -20.25 0.48 17.36
C ASP A 1114 -20.43 1.04 18.77
N SER A 1115 -19.87 2.20 19.04
CA SER A 1115 -19.94 2.77 20.38
C SER A 1115 -21.36 3.03 20.78
N ARG A 1116 -21.75 2.53 21.93
CA ARG A 1116 -23.12 2.70 22.41
C ARG A 1116 -23.27 3.74 23.50
N GLY A 1117 -22.32 3.81 24.42
CA GLY A 1117 -22.42 4.72 25.55
C GLY A 1117 -21.08 5.05 26.15
N TYR A 1118 -21.07 5.92 27.16
CA TYR A 1118 -19.81 6.29 27.80
C TYR A 1118 -19.09 5.13 28.48
N GLU A 1119 -19.81 4.24 29.15
CA GLU A 1119 -19.15 3.07 29.73
C GLU A 1119 -19.80 1.78 29.25
N GLU A 1120 -20.73 1.90 28.31
CA GLU A 1120 -21.47 0.74 27.83
C GLU A 1120 -20.79 -0.10 26.77
N GLN A 1121 -21.12 -1.39 26.72
CA GLN A 1121 -20.56 -2.29 25.73
C GLN A 1121 -21.01 -1.89 24.35
N PRO A 1122 -20.11 -1.97 23.36
CA PRO A 1122 -20.51 -1.67 21.99
C PRO A 1122 -21.53 -2.64 21.40
N GLN A 1123 -22.58 -2.13 20.76
CA GLN A 1123 -23.59 -2.97 20.11
C GLN A 1123 -23.13 -3.15 18.71
N TRP A 1124 -23.63 -4.17 18.01
CA TRP A 1124 -23.11 -4.46 16.66
C TRP A 1124 -23.05 -3.28 15.71
N GLU A 1125 -24.13 -2.58 15.49
CA GLU A 1125 -24.06 -1.38 14.65
C GLU A 1125 -24.56 -0.14 15.33
N ASP A 1126 -24.92 -0.21 16.61
CA ASP A 1126 -25.50 0.95 17.27
C ASP A 1126 -24.63 2.15 17.02
N ASN A 1127 -25.25 3.29 16.76
CA ASN A 1127 -24.47 4.48 16.41
C ASN A 1127 -23.65 4.26 15.16
N LEU A 1128 -24.25 3.69 14.13
CA LEU A 1128 -23.55 3.42 12.86
C LEU A 1128 -23.10 4.65 12.11
N TYR A 1129 -23.78 5.76 12.30
CA TYR A 1129 -23.49 6.95 11.51
C TYR A 1129 -22.16 7.61 11.84
N MET A 1130 -21.36 6.98 12.68
CA MET A 1130 -20.08 7.58 13.00
C MET A 1130 -19.09 7.56 11.86
N TYR A 1131 -19.25 6.61 10.93
CA TYR A 1131 -18.36 6.51 9.79
C TYR A 1131 -18.25 7.88 9.16
N ILE A 1132 -19.26 8.71 9.38
CA ILE A 1132 -19.25 10.04 8.79
C ILE A 1132 -18.06 10.83 9.32
N TYR A 1133 -17.77 10.69 10.61
CA TYR A 1133 -16.67 11.45 11.19
C TYR A 1133 -15.38 11.06 10.53
N PHE A 1134 -15.18 9.76 10.33
CA PHE A 1134 -13.99 9.28 9.67
C PHE A 1134 -13.90 9.71 8.23
N VAL A 1135 -15.00 9.69 7.50
CA VAL A 1135 -14.99 10.18 6.13
C VAL A 1135 -14.63 11.66 6.13
N VAL A 1136 -15.22 12.43 7.04
CA VAL A 1136 -14.90 13.85 7.14
C VAL A 1136 -13.44 14.01 7.53
N PHE A 1137 -12.97 13.18 8.45
CA PHE A 1137 -11.57 13.25 8.81
C PHE A 1137 -10.73 12.87 7.64
N ILE A 1138 -11.06 11.77 6.96
CA ILE A 1138 -10.15 11.34 5.91
C ILE A 1138 -10.03 12.35 4.79
N ILE A 1139 -11.14 12.95 4.41
CA ILE A 1139 -11.12 13.96 3.38
C ILE A 1139 -10.35 15.20 3.80
N PHE A 1140 -10.55 15.66 5.03
CA PHE A 1140 -9.88 16.88 5.49
C PHE A 1140 -8.55 16.68 6.19
N GLY A 1141 -8.54 15.77 7.16
CA GLY A 1141 -7.35 15.49 7.95
C GLY A 1141 -6.20 14.88 7.19
N SER A 1142 -6.50 13.96 6.28
CA SER A 1142 -5.44 13.33 5.52
C SER A 1142 -5.32 13.83 4.10
N PHE A 1143 -6.41 13.80 3.34
CA PHE A 1143 -6.33 14.23 1.94
C PHE A 1143 -5.94 15.69 1.76
N PHE A 1144 -6.56 16.61 2.49
CA PHE A 1144 -6.16 18.02 2.36
C PHE A 1144 -4.78 18.34 2.91
N THR A 1145 -4.43 17.80 4.07
CA THR A 1145 -3.12 18.07 4.66
C THR A 1145 -2.01 17.50 3.81
N LEU A 1146 -2.21 16.30 3.26
CA LEU A 1146 -1.20 15.69 2.40
C LEU A 1146 -1.04 16.54 1.17
N ASN A 1147 -2.15 17.04 0.62
CA ASN A 1147 -2.10 17.92 -0.51
C ASN A 1147 -1.37 19.20 -0.14
N LEU A 1148 -1.63 19.72 1.05
CA LEU A 1148 -0.91 20.91 1.52
C LEU A 1148 0.56 20.54 1.69
N PHE A 1149 0.81 19.38 2.26
CA PHE A 1149 2.17 18.91 2.49
C PHE A 1149 2.90 18.72 1.18
N ILE A 1150 2.24 18.16 0.18
CA ILE A 1150 2.90 18.00 -1.09
C ILE A 1150 3.19 19.36 -1.70
N GLY A 1151 2.23 20.28 -1.57
CA GLY A 1151 2.41 21.61 -2.14
C GLY A 1151 3.55 22.40 -1.56
N VAL A 1152 3.70 22.38 -0.23
CA VAL A 1152 4.79 23.12 0.38
C VAL A 1152 6.14 22.53 -0.01
N ILE A 1153 6.24 21.20 -0.06
CA ILE A 1153 7.49 20.56 -0.42
C ILE A 1153 7.86 20.95 -1.83
N ILE A 1154 6.88 20.93 -2.73
CA ILE A 1154 7.14 21.33 -4.09
C ILE A 1154 7.51 22.80 -4.12
N ASP A 1155 6.80 23.61 -3.34
CA ASP A 1155 7.09 25.03 -3.27
C ASP A 1155 8.47 25.31 -2.67
N ASN A 1156 8.81 24.59 -1.62
CA ASN A 1156 10.11 24.77 -0.97
C ASN A 1156 11.26 24.42 -1.88
N PHE A 1157 11.14 23.31 -2.58
CA PHE A 1157 12.22 22.89 -3.46
C PHE A 1157 12.43 23.87 -4.60
N ASN A 1158 11.36 24.38 -5.18
CA ASN A 1158 11.53 25.33 -6.27
C ASN A 1158 12.24 26.59 -5.80
N GLN A 1159 11.82 27.11 -4.66
CA GLN A 1159 12.43 28.32 -4.12
C GLN A 1159 13.89 28.08 -3.77
N GLN A 1160 14.18 26.92 -3.19
CA GLN A 1160 15.53 26.60 -2.80
C GLN A 1160 16.44 26.59 -4.03
N LYS A 1161 15.97 25.98 -5.11
CA LYS A 1161 16.75 25.93 -6.33
C LYS A 1161 16.93 27.35 -6.89
N LYS A 1162 15.84 28.11 -6.86
CA LYS A 1162 15.81 29.49 -7.34
C LYS A 1162 16.68 30.43 -6.50
N LYS A 1163 16.67 30.24 -5.19
CA LYS A 1163 17.44 31.09 -4.27
C LYS A 1163 18.94 31.02 -4.53
N LEU A 1164 19.44 29.83 -4.82
CA LEU A 1164 20.87 29.65 -5.08
C LEU A 1164 21.14 29.56 -6.58
N ASN A 1199 31.24 -17.14 -50.78
CA ASN A 1199 30.30 -16.72 -49.74
C ASN A 1199 28.96 -16.28 -50.33
N LYS A 1200 28.32 -17.17 -51.07
CA LYS A 1200 27.02 -16.85 -51.67
C LYS A 1200 25.99 -16.59 -50.58
N TYR A 1201 26.02 -17.41 -49.54
CA TYR A 1201 25.10 -17.29 -48.41
C TYR A 1201 25.31 -15.97 -47.68
N GLN A 1202 26.58 -15.57 -47.55
CA GLN A 1202 26.91 -14.30 -46.90
C GLN A 1202 26.33 -13.12 -47.66
N GLY A 1203 26.36 -13.19 -48.98
CA GLY A 1203 25.80 -12.13 -49.79
C GLY A 1203 24.30 -12.01 -49.55
N PHE A 1204 23.62 -13.16 -49.45
CA PHE A 1204 22.18 -13.16 -49.25
C PHE A 1204 21.74 -12.55 -47.91
N ILE A 1205 22.42 -12.91 -46.82
CA ILE A 1205 22.08 -12.36 -45.51
C ILE A 1205 22.35 -10.86 -45.47
N PHE A 1206 23.44 -10.46 -46.10
CA PHE A 1206 23.82 -9.05 -46.16
C PHE A 1206 22.75 -8.27 -46.91
N ASP A 1207 22.24 -8.83 -48.00
CA ASP A 1207 21.18 -8.20 -48.77
C ASP A 1207 19.85 -8.10 -48.01
N ILE A 1208 19.48 -9.16 -47.30
CA ILE A 1208 18.20 -9.20 -46.57
C ILE A 1208 18.18 -8.71 -45.11
N VAL A 1209 19.34 -8.49 -44.51
CA VAL A 1209 19.39 -8.03 -43.12
C VAL A 1209 18.75 -6.65 -42.92
N THR A 1210 18.96 -5.78 -43.90
CA THR A 1210 18.46 -4.40 -43.88
C THR A 1210 16.94 -4.26 -43.83
N LYS A 1211 16.22 -5.14 -44.51
CA LYS A 1211 14.76 -5.05 -44.54
C LYS A 1211 14.13 -5.13 -43.16
N GLN A 1212 13.11 -4.30 -42.95
CA GLN A 1212 12.37 -4.20 -41.71
C GLN A 1212 11.63 -5.48 -41.35
N ALA A 1213 11.13 -6.18 -42.37
CA ALA A 1213 10.36 -7.39 -42.19
C ALA A 1213 11.12 -8.50 -41.46
N PHE A 1214 12.41 -8.62 -41.72
CA PHE A 1214 13.20 -9.67 -41.08
C PHE A 1214 13.19 -9.54 -39.55
N ASP A 1215 13.32 -8.32 -39.05
CA ASP A 1215 13.28 -8.09 -37.60
C ASP A 1215 11.91 -8.44 -37.03
N VAL A 1216 10.87 -8.10 -37.79
CA VAL A 1216 9.49 -8.33 -37.39
C VAL A 1216 9.20 -9.82 -37.18
N THR A 1217 9.78 -10.67 -38.02
CA THR A 1217 9.56 -12.11 -37.90
C THR A 1217 10.05 -12.62 -36.56
N ILE A 1218 11.20 -12.13 -36.11
CA ILE A 1218 11.75 -12.55 -34.83
C ILE A 1218 10.80 -12.14 -33.71
N MET A 1219 10.25 -10.93 -33.81
CA MET A 1219 9.33 -10.43 -32.81
C MET A 1219 8.08 -11.31 -32.75
N PHE A 1220 7.59 -11.72 -33.90
CA PHE A 1220 6.40 -12.56 -33.93
C PHE A 1220 6.67 -13.88 -33.22
N LEU A 1221 7.84 -14.46 -33.46
CA LEU A 1221 8.17 -15.70 -32.78
C LEU A 1221 8.27 -15.44 -31.28
N ILE A 1222 8.90 -14.32 -30.91
CA ILE A 1222 9.01 -13.98 -29.49
C ILE A 1222 7.64 -13.72 -28.91
N CYS A 1223 6.78 -13.03 -29.67
CA CYS A 1223 5.43 -12.75 -29.23
C CYS A 1223 4.67 -14.05 -29.06
N LEU A 1224 4.85 -14.99 -29.99
CA LEU A 1224 4.24 -16.30 -29.92
C LEU A 1224 4.77 -17.04 -28.69
N ASN A 1225 6.07 -16.90 -28.43
CA ASN A 1225 6.70 -17.52 -27.28
C ASN A 1225 6.09 -17.00 -25.98
N MET A 1226 5.78 -15.70 -25.93
CA MET A 1226 5.16 -15.14 -24.73
C MET A 1226 3.82 -15.81 -24.50
N VAL A 1227 3.04 -16.01 -25.57
CA VAL A 1227 1.75 -16.69 -25.50
C VAL A 1227 1.91 -18.14 -25.05
N THR A 1228 2.99 -18.79 -25.48
CA THR A 1228 3.30 -20.15 -25.09
C THR A 1228 3.51 -20.23 -23.57
N MET A 1229 4.15 -19.23 -22.98
CA MET A 1229 4.36 -19.23 -21.53
C MET A 1229 3.11 -18.72 -20.85
N MET A 1230 2.29 -17.97 -21.56
CA MET A 1230 1.10 -17.38 -20.96
C MET A 1230 0.01 -18.41 -20.78
N VAL A 1231 0.10 -19.53 -21.49
CA VAL A 1231 -0.97 -20.52 -21.44
C VAL A 1231 -0.82 -21.61 -20.36
N GLU A 1232 0.26 -21.59 -19.61
CA GLU A 1232 0.48 -22.69 -18.66
C GLU A 1232 -0.06 -22.51 -17.25
N THR A 1233 -0.93 -23.41 -16.80
CA THR A 1233 -1.39 -23.34 -15.43
C THR A 1233 -0.58 -24.31 -14.58
N ASP A 1234 -1.10 -24.65 -13.41
CA ASP A 1234 -0.44 -25.59 -12.53
C ASP A 1234 -1.06 -26.96 -12.74
N ASP A 1235 -0.21 -27.95 -13.03
CA ASP A 1235 -0.66 -29.33 -13.25
C ASP A 1235 -1.78 -29.40 -14.29
N GLN A 1236 -1.57 -28.73 -15.41
CA GLN A 1236 -2.60 -28.65 -16.44
C GLN A 1236 -3.06 -29.96 -17.11
N SER A 1237 -2.13 -30.78 -17.61
CA SER A 1237 -2.46 -32.04 -18.27
C SER A 1237 -1.23 -32.90 -18.48
N PRO A 1238 -1.39 -34.23 -18.48
CA PRO A 1238 -0.19 -35.02 -18.76
C PRO A 1238 0.27 -34.77 -20.20
N GLU A 1239 -0.67 -34.75 -21.13
CA GLU A 1239 -0.36 -34.48 -22.53
C GLU A 1239 0.10 -33.05 -22.82
N LYS A 1240 -0.55 -32.09 -22.16
CA LYS A 1240 -0.25 -30.68 -22.38
C LYS A 1240 1.16 -30.28 -22.02
N VAL A 1241 1.67 -30.77 -20.90
CA VAL A 1241 3.03 -30.38 -20.52
C VAL A 1241 4.05 -30.83 -21.55
N ASN A 1242 3.89 -32.05 -22.06
CA ASN A 1242 4.79 -32.56 -23.06
C ASN A 1242 4.72 -31.72 -24.33
N ILE A 1243 3.51 -31.37 -24.74
CA ILE A 1243 3.35 -30.56 -25.94
C ILE A 1243 3.98 -29.20 -25.73
N LEU A 1244 3.75 -28.62 -24.57
CA LEU A 1244 4.31 -27.32 -24.25
C LEU A 1244 5.82 -27.39 -24.19
N ALA A 1245 6.33 -28.47 -23.59
CA ALA A 1245 7.76 -28.67 -23.48
C ALA A 1245 8.38 -28.79 -24.86
N LYS A 1246 7.71 -29.52 -25.75
CA LYS A 1246 8.22 -29.71 -27.10
C LYS A 1246 8.28 -28.36 -27.80
N ILE A 1247 7.24 -27.55 -27.63
CA ILE A 1247 7.23 -26.23 -28.21
C ILE A 1247 8.34 -25.40 -27.57
N ASN A 1248 8.49 -25.51 -26.26
CA ASN A 1248 9.51 -24.77 -25.55
C ASN A 1248 10.88 -25.18 -26.03
N LEU A 1249 11.08 -26.48 -26.26
CA LEU A 1249 12.36 -26.97 -26.78
C LEU A 1249 12.56 -26.51 -28.20
N LEU A 1250 11.50 -26.48 -28.98
CA LEU A 1250 11.61 -25.99 -30.35
C LEU A 1250 12.00 -24.53 -30.33
N PHE A 1251 11.40 -23.76 -29.44
CA PHE A 1251 11.68 -22.33 -29.41
C PHE A 1251 13.13 -22.05 -29.05
N VAL A 1252 13.66 -22.71 -28.03
CA VAL A 1252 15.05 -22.37 -27.70
C VAL A 1252 15.97 -22.66 -28.88
N ALA A 1253 15.74 -23.76 -29.57
CA ALA A 1253 16.52 -24.11 -30.73
C ALA A 1253 16.34 -23.06 -31.82
N ILE A 1254 15.12 -22.57 -32.00
CA ILE A 1254 14.88 -21.58 -33.04
C ILE A 1254 15.69 -20.32 -32.81
N PHE A 1255 15.70 -19.85 -31.57
CA PHE A 1255 16.46 -18.64 -31.26
C PHE A 1255 17.95 -18.86 -31.43
N THR A 1256 18.45 -20.00 -30.97
CA THR A 1256 19.86 -20.29 -31.10
C THR A 1256 20.24 -20.39 -32.56
N GLY A 1257 19.39 -21.03 -33.35
CA GLY A 1257 19.68 -21.14 -34.76
C GLY A 1257 19.68 -19.78 -35.40
N GLU A 1258 18.68 -18.98 -35.05
CA GLU A 1258 18.57 -17.63 -35.60
C GLU A 1258 19.69 -16.68 -35.22
N CYS A 1259 20.09 -16.69 -33.95
CA CYS A 1259 21.15 -15.80 -33.53
C CYS A 1259 22.48 -16.12 -34.20
N ILE A 1260 22.80 -17.40 -34.30
CA ILE A 1260 24.05 -17.82 -34.92
C ILE A 1260 24.15 -17.47 -36.41
N VAL A 1261 23.07 -17.71 -37.16
CA VAL A 1261 23.09 -17.41 -38.59
C VAL A 1261 23.22 -15.92 -38.86
N LYS A 1262 22.56 -15.11 -38.05
CA LYS A 1262 22.59 -13.66 -38.21
C LYS A 1262 23.74 -13.03 -37.41
N MET A 1263 24.53 -13.85 -36.72
CA MET A 1263 25.65 -13.33 -35.94
C MET A 1263 26.67 -12.63 -36.83
N ALA A 1264 26.92 -13.17 -38.03
CA ALA A 1264 27.85 -12.55 -38.94
C ALA A 1264 27.27 -12.40 -40.34
N ALA A 1265 26.16 -11.67 -40.45
CA ALA A 1265 25.54 -11.36 -41.74
C ALA A 1265 26.49 -10.39 -42.46
N LEU A 1266 27.02 -9.46 -41.67
CA LEU A 1266 27.99 -8.47 -42.05
C LEU A 1266 29.23 -8.77 -41.20
N ARG A 1267 30.40 -8.29 -41.63
CA ARG A 1267 31.63 -8.59 -40.91
C ARG A 1267 31.61 -8.08 -39.46
N HIS A 1268 31.03 -6.90 -39.25
CA HIS A 1268 30.96 -6.29 -37.93
C HIS A 1268 29.54 -6.30 -37.33
N TYR A 1269 28.69 -7.21 -37.82
CA TYR A 1269 27.31 -7.27 -37.35
C TYR A 1269 27.14 -7.52 -35.85
N TYR A 1270 27.90 -8.45 -35.28
CA TYR A 1270 27.79 -8.70 -33.84
C TYR A 1270 28.26 -7.46 -33.04
N PHE A 1271 29.31 -6.82 -33.55
CA PHE A 1271 29.89 -5.62 -32.95
C PHE A 1271 28.96 -4.40 -32.96
N THR A 1272 28.18 -4.26 -34.02
CA THR A 1272 27.30 -3.10 -34.17
C THR A 1272 26.22 -2.93 -33.10
N ASN A 1273 25.59 -4.02 -32.67
CA ASN A 1273 24.55 -3.91 -31.64
C ASN A 1273 24.85 -4.69 -30.36
N SER A 1274 24.81 -3.99 -29.22
CA SER A 1274 25.06 -4.59 -27.92
C SER A 1274 23.99 -5.64 -27.57
N TRP A 1275 22.75 -5.33 -27.90
CA TRP A 1275 21.62 -6.21 -27.60
C TRP A 1275 21.75 -7.58 -28.26
N ASN A 1276 22.27 -7.60 -29.49
CA ASN A 1276 22.47 -8.86 -30.20
C ASN A 1276 23.45 -9.75 -29.45
N ILE A 1277 24.52 -9.14 -28.91
CA ILE A 1277 25.50 -9.86 -28.12
C ILE A 1277 24.84 -10.40 -26.85
N PHE A 1278 23.95 -9.60 -26.26
CA PHE A 1278 23.19 -9.97 -25.06
C PHE A 1278 22.27 -11.17 -25.34
N ASP A 1279 21.72 -11.24 -26.56
CA ASP A 1279 20.86 -12.35 -26.95
C ASP A 1279 21.59 -13.69 -26.85
N PHE A 1280 22.86 -13.72 -27.24
CA PHE A 1280 23.64 -14.94 -27.14
C PHE A 1280 23.77 -15.36 -25.68
N VAL A 1281 23.96 -14.41 -24.76
CA VAL A 1281 24.09 -14.75 -23.36
C VAL A 1281 22.83 -15.40 -22.77
N VAL A 1282 21.63 -14.91 -23.12
CA VAL A 1282 20.43 -15.54 -22.58
C VAL A 1282 20.22 -16.95 -23.14
N VAL A 1283 20.45 -17.12 -24.44
CA VAL A 1283 20.25 -18.44 -25.05
C VAL A 1283 21.23 -19.48 -24.51
N ILE A 1284 22.49 -19.09 -24.33
CA ILE A 1284 23.48 -20.02 -23.79
C ILE A 1284 23.10 -20.40 -22.35
N LEU A 1285 22.63 -19.44 -21.58
CA LEU A 1285 22.18 -19.71 -20.23
C LEU A 1285 20.97 -20.65 -20.30
N SER A 1286 20.07 -20.37 -21.23
CA SER A 1286 18.89 -21.20 -21.42
C SER A 1286 19.22 -22.60 -21.93
N ILE A 1287 20.12 -22.70 -22.90
CA ILE A 1287 20.45 -24.02 -23.46
C ILE A 1287 21.07 -24.95 -22.44
N VAL A 1288 21.99 -24.44 -21.62
CA VAL A 1288 22.61 -25.26 -20.58
C VAL A 1288 21.57 -25.69 -19.54
N GLY A 1289 20.62 -24.80 -19.28
CA GLY A 1289 19.57 -25.06 -18.33
C GLY A 1289 18.83 -26.36 -18.59
N THR A 1290 18.35 -26.56 -19.82
CA THR A 1290 17.61 -27.78 -20.14
C THR A 1290 18.48 -29.01 -19.96
N VAL A 1291 19.72 -28.92 -20.43
CA VAL A 1291 20.67 -30.02 -20.32
C VAL A 1291 21.02 -30.33 -18.87
N LEU A 1292 21.15 -29.28 -18.07
CA LEU A 1292 21.53 -29.38 -16.66
C LEU A 1292 20.33 -29.26 -15.73
N SER A 1293 19.15 -29.53 -16.27
CA SER A 1293 17.89 -29.42 -15.53
C SER A 1293 17.68 -30.34 -14.33
N ASP A 1294 18.45 -31.43 -14.24
CA ASP A 1294 18.31 -32.39 -13.16
C ASP A 1294 18.50 -31.76 -11.78
N ILE A 1295 19.52 -30.93 -11.61
CA ILE A 1295 19.73 -30.30 -10.30
C ILE A 1295 19.30 -28.84 -10.26
N ILE A 1296 19.08 -28.24 -11.43
CA ILE A 1296 18.69 -26.83 -11.48
C ILE A 1296 17.34 -26.45 -10.87
N GLN A 1297 16.32 -27.28 -11.02
CA GLN A 1297 15.02 -26.91 -10.47
C GLN A 1297 15.05 -26.76 -8.95
N LYS A 1298 15.71 -27.68 -8.25
CA LYS A 1298 15.78 -27.55 -6.80
C LYS A 1298 16.61 -26.35 -6.30
N TYR A 1299 17.81 -26.20 -6.86
CA TYR A 1299 18.71 -25.10 -6.47
C TYR A 1299 18.27 -23.70 -6.88
N PHE A 1300 17.84 -23.57 -8.13
CA PHE A 1300 17.41 -22.30 -8.71
C PHE A 1300 15.92 -22.07 -8.54
N PHE A 1301 15.46 -20.88 -8.88
CA PHE A 1301 14.04 -20.62 -8.78
C PHE A 1301 13.24 -21.54 -9.69
N SER A 1302 13.73 -21.67 -10.93
CA SER A 1302 13.16 -22.50 -12.01
C SER A 1302 14.07 -22.38 -13.22
N PRO A 1303 14.05 -23.39 -14.10
CA PRO A 1303 14.86 -23.33 -15.33
C PRO A 1303 14.13 -22.58 -16.41
N THR A 1304 12.80 -22.76 -16.44
CA THR A 1304 11.90 -22.09 -17.36
C THR A 1304 11.86 -20.56 -17.17
N LEU A 1305 12.12 -20.09 -15.95
CA LEU A 1305 12.12 -18.65 -15.65
C LEU A 1305 13.12 -17.88 -16.50
N PHE A 1306 14.27 -18.47 -16.80
CA PHE A 1306 15.30 -17.81 -17.61
C PHE A 1306 14.81 -17.42 -19.01
N ARG A 1307 13.92 -18.23 -19.61
CA ARG A 1307 13.37 -17.97 -20.94
C ARG A 1307 12.53 -16.68 -21.07
N VAL A 1308 11.99 -16.15 -19.96
CA VAL A 1308 11.21 -14.91 -19.92
C VAL A 1308 12.01 -13.63 -20.24
N ILE A 1309 13.34 -13.70 -20.18
CA ILE A 1309 14.27 -12.62 -20.53
C ILE A 1309 14.17 -12.20 -22.01
N ARG A 1310 13.77 -13.14 -22.86
CA ARG A 1310 13.62 -12.84 -24.27
C ARG A 1310 12.52 -11.83 -24.47
N LEU A 1311 11.51 -11.85 -23.62
CA LEU A 1311 10.40 -10.93 -23.76
C LEU A 1311 10.89 -9.52 -23.62
N ALA A 1312 11.81 -9.30 -22.69
CA ALA A 1312 12.34 -7.97 -22.48
C ALA A 1312 12.93 -7.38 -23.76
N ARG A 1313 13.42 -8.24 -24.66
CA ARG A 1313 13.92 -7.74 -25.94
C ARG A 1313 12.87 -6.95 -26.71
N ILE A 1314 11.60 -7.23 -26.46
CA ILE A 1314 10.55 -6.57 -27.23
C ILE A 1314 10.59 -5.06 -27.01
N GLY A 1315 10.91 -4.63 -25.80
CA GLY A 1315 11.00 -3.22 -25.50
C GLY A 1315 11.83 -2.41 -26.49
N ARG A 1316 12.78 -3.06 -27.16
CA ARG A 1316 13.61 -2.39 -28.13
C ARG A 1316 12.75 -1.82 -29.27
N ILE A 1317 11.71 -2.56 -29.68
CA ILE A 1317 10.77 -2.10 -30.72
C ILE A 1317 10.00 -0.84 -30.27
N LEU A 1318 9.72 -0.71 -28.97
CA LEU A 1318 8.99 0.44 -28.44
C LEU A 1318 9.75 1.73 -28.71
N ARG A 1319 11.08 1.69 -28.56
CA ARG A 1319 11.91 2.85 -28.85
C ARG A 1319 11.81 3.17 -30.35
N LEU A 1320 11.84 2.11 -31.16
CA LEU A 1320 11.76 2.20 -32.61
C LEU A 1320 10.46 2.78 -33.18
N ILE A 1321 9.32 2.44 -32.58
CA ILE A 1321 8.05 2.93 -33.12
C ILE A 1321 7.91 4.44 -33.09
N ARG A 1322 7.60 4.99 -34.27
CA ARG A 1322 7.39 6.42 -34.49
C ARG A 1322 6.17 7.08 -33.85
N GLY A 1323 5.04 6.37 -33.86
CA GLY A 1323 3.78 6.89 -33.40
C GLY A 1323 3.46 7.39 -32.00
N ALA A 1324 3.92 6.70 -30.95
CA ALA A 1324 3.56 7.16 -29.61
C ALA A 1324 4.68 7.83 -28.82
N LYS A 1325 4.42 9.07 -28.41
CA LYS A 1325 5.38 9.83 -27.61
C LYS A 1325 5.16 9.64 -26.13
N GLY A 1326 4.00 9.11 -25.75
CA GLY A 1326 3.69 8.91 -24.34
C GLY A 1326 4.63 7.92 -23.68
N ILE A 1327 4.91 6.83 -24.38
CA ILE A 1327 5.81 5.81 -23.87
C ILE A 1327 7.22 6.35 -23.69
N ARG A 1328 7.65 7.19 -24.62
CA ARG A 1328 8.98 7.74 -24.54
C ARG A 1328 9.17 8.59 -23.28
N THR A 1329 8.17 9.38 -22.92
CA THR A 1329 8.29 10.21 -21.73
C THR A 1329 8.43 9.34 -20.49
N LEU A 1330 7.61 8.29 -20.41
CA LEU A 1330 7.68 7.41 -19.26
C LEU A 1330 9.03 6.69 -19.24
N LEU A 1331 9.47 6.23 -20.41
CA LEU A 1331 10.75 5.56 -20.50
C LEU A 1331 11.90 6.49 -20.18
N PHE A 1332 11.84 7.71 -20.71
CA PHE A 1332 12.90 8.67 -20.42
C PHE A 1332 12.91 9.02 -18.95
N ALA A 1333 11.74 9.20 -18.37
CA ALA A 1333 11.65 9.56 -16.97
C ALA A 1333 12.25 8.46 -16.09
N LEU A 1334 11.94 7.22 -16.40
CA LEU A 1334 12.49 6.12 -15.62
C LEU A 1334 14.00 6.04 -15.77
N MET A 1335 14.49 6.15 -16.99
CA MET A 1335 15.92 6.05 -17.24
C MET A 1335 16.72 7.18 -16.62
N MET A 1336 16.22 8.40 -16.72
CA MET A 1336 16.90 9.56 -16.15
C MET A 1336 16.96 9.47 -14.63
N SER A 1337 15.88 9.00 -14.04
CA SER A 1337 15.75 8.88 -12.58
C SER A 1337 16.18 7.53 -12.03
N LEU A 1338 16.69 6.65 -12.87
CA LEU A 1338 17.10 5.31 -12.42
C LEU A 1338 18.23 5.29 -11.40
N PRO A 1339 19.26 6.12 -11.59
CA PRO A 1339 20.39 6.12 -10.65
C PRO A 1339 19.98 6.54 -9.25
N ALA A 1340 19.09 7.52 -9.15
CA ALA A 1340 18.70 8.03 -7.85
C ALA A 1340 17.88 7.05 -7.04
N LEU A 1341 17.14 6.18 -7.71
CA LEU A 1341 16.31 5.20 -7.01
C LEU A 1341 17.24 4.30 -6.22
N PHE A 1342 18.37 3.96 -6.81
CA PHE A 1342 19.31 3.10 -6.11
C PHE A 1342 19.84 3.80 -4.87
N ASN A 1343 20.13 5.10 -4.97
CA ASN A 1343 20.68 5.83 -3.82
C ASN A 1343 19.72 5.94 -2.64
N ILE A 1344 18.46 6.28 -2.92
CA ILE A 1344 17.48 6.32 -1.83
C ILE A 1344 17.29 4.93 -1.28
N GLY A 1345 17.30 3.93 -2.15
CA GLY A 1345 17.11 2.56 -1.71
C GLY A 1345 18.22 2.15 -0.77
N LEU A 1346 19.42 2.64 -1.00
CA LEU A 1346 20.52 2.34 -0.09
C LEU A 1346 20.27 2.96 1.29
N LEU A 1347 19.83 4.22 1.30
CA LEU A 1347 19.53 4.90 2.57
C LEU A 1347 18.40 4.18 3.27
N LEU A 1348 17.38 3.79 2.52
CA LEU A 1348 16.27 3.06 3.12
C LEU A 1348 16.83 1.82 3.77
N PHE A 1349 17.70 1.11 3.06
CA PHE A 1349 18.21 -0.14 3.62
C PHE A 1349 18.96 0.14 4.91
N LEU A 1350 19.74 1.22 4.93
CA LEU A 1350 20.50 1.58 6.11
C LEU A 1350 19.56 1.85 7.27
N VAL A 1351 18.47 2.55 7.02
CA VAL A 1351 17.47 2.82 8.04
C VAL A 1351 16.86 1.52 8.53
N MET A 1352 16.60 0.60 7.60
CA MET A 1352 16.03 -0.70 7.95
C MET A 1352 17.00 -1.46 8.84
N PHE A 1353 18.29 -1.37 8.51
CA PHE A 1353 19.32 -2.02 9.27
C PHE A 1353 19.38 -1.47 10.69
N ILE A 1354 19.32 -0.14 10.80
CA ILE A 1354 19.39 0.49 12.12
C ILE A 1354 18.20 0.11 12.96
N TYR A 1355 17.03 0.15 12.38
CA TYR A 1355 15.81 -0.16 13.11
C TYR A 1355 15.72 -1.60 13.58
N SER A 1356 16.17 -2.53 12.75
CA SER A 1356 16.13 -3.94 13.11
C SER A 1356 17.00 -4.20 14.33
N ILE A 1357 18.18 -3.58 14.38
CA ILE A 1357 19.06 -3.75 15.54
C ILE A 1357 18.38 -3.16 16.78
N PHE A 1358 17.74 -2.00 16.60
CA PHE A 1358 17.02 -1.36 17.69
C PHE A 1358 15.87 -2.26 18.09
N GLY A 1359 15.19 -2.79 17.08
CA GLY A 1359 14.08 -3.70 17.26
C GLY A 1359 14.49 -5.00 17.89
N MET A 1360 15.64 -5.53 17.51
CA MET A 1360 16.05 -6.81 18.04
C MET A 1360 16.24 -6.79 19.53
N ALA A 1361 16.89 -5.77 20.07
CA ALA A 1361 17.05 -5.73 21.52
C ALA A 1361 15.72 -5.54 22.24
N ASN A 1362 14.95 -4.56 21.78
CA ASN A 1362 13.63 -4.23 22.34
C ASN A 1362 12.49 -5.20 22.10
N PHE A 1363 12.38 -5.67 20.87
CA PHE A 1363 11.24 -6.51 20.48
C PHE A 1363 11.45 -8.02 20.43
N ALA A 1364 12.57 -8.50 20.93
CA ALA A 1364 12.77 -9.93 21.00
C ALA A 1364 11.85 -10.46 22.07
N TYR A 1365 11.31 -11.65 21.84
CA TYR A 1365 10.38 -12.37 22.72
C TYR A 1365 9.00 -11.75 22.86
N VAL A 1366 8.62 -10.86 21.94
CA VAL A 1366 7.30 -10.22 21.97
C VAL A 1366 6.25 -11.32 21.75
N LYS A 1367 5.09 -11.23 22.41
CA LYS A 1367 4.05 -12.24 22.28
C LYS A 1367 3.64 -12.36 20.82
N TRP A 1368 3.59 -13.59 20.32
CA TRP A 1368 3.27 -13.82 18.91
C TRP A 1368 1.81 -13.60 18.64
N GLU A 1369 1.45 -12.35 18.37
CA GLU A 1369 0.07 -12.01 18.06
C GLU A 1369 0.08 -11.11 16.85
N ALA A 1370 -0.96 -11.17 16.03
CA ALA A 1370 -1.07 -10.28 14.88
C ALA A 1370 0.04 -10.35 13.86
N GLY A 1371 0.65 -9.22 13.56
CA GLY A 1371 1.68 -9.18 12.54
C GLY A 1371 2.87 -10.06 12.85
N ILE A 1372 3.25 -10.16 14.11
CA ILE A 1372 4.36 -10.99 14.49
C ILE A 1372 3.84 -12.42 14.61
N ASP A 1373 4.18 -13.28 13.65
CA ASP A 1373 3.71 -14.66 13.65
C ASP A 1373 4.92 -15.47 14.01
N ASP A 1374 5.11 -16.63 13.41
CA ASP A 1374 6.38 -17.28 13.75
C ASP A 1374 7.47 -16.93 12.74
N MET A 1375 7.14 -16.91 11.46
CA MET A 1375 8.12 -16.52 10.46
C MET A 1375 8.57 -15.08 10.51
N PHE A 1376 7.66 -14.15 10.77
CA PHE A 1376 8.03 -12.73 10.82
C PHE A 1376 8.13 -12.28 12.26
N ASN A 1377 9.35 -12.18 12.74
CA ASN A 1377 9.66 -11.83 14.08
C ASN A 1377 10.75 -10.82 14.12
N PHE A 1378 10.91 -10.24 15.29
CA PHE A 1378 12.02 -9.33 15.50
C PHE A 1378 13.18 -10.09 16.18
N GLN A 1379 13.01 -11.40 16.37
CA GLN A 1379 13.97 -12.28 17.02
C GLN A 1379 15.32 -12.42 16.37
N THR A 1380 15.38 -12.48 15.07
CA THR A 1380 16.66 -12.63 14.39
C THR A 1380 16.80 -11.58 13.33
N PHE A 1381 18.03 -11.26 12.95
CA PHE A 1381 18.23 -10.25 11.94
C PHE A 1381 17.65 -10.60 10.60
N ALA A 1382 17.70 -11.87 10.22
CA ALA A 1382 17.10 -12.26 8.96
C ALA A 1382 15.62 -11.95 9.00
N ASN A 1383 14.96 -12.32 10.10
CA ASN A 1383 13.54 -12.07 10.31
C ASN A 1383 13.18 -10.60 10.45
N SER A 1384 14.00 -9.83 11.17
CA SER A 1384 13.72 -8.42 11.37
C SER A 1384 13.71 -7.66 10.07
N MET A 1385 14.60 -7.97 9.15
CA MET A 1385 14.62 -7.27 7.90
C MET A 1385 13.32 -7.45 7.12
N LEU A 1386 12.73 -8.65 7.15
CA LEU A 1386 11.49 -8.86 6.45
C LEU A 1386 10.36 -7.99 7.00
N CYS A 1387 10.21 -7.92 8.31
CA CYS A 1387 9.16 -7.11 8.91
C CYS A 1387 9.35 -5.65 8.61
N LEU A 1388 10.58 -5.18 8.73
CA LEU A 1388 10.89 -3.79 8.44
C LEU A 1388 10.68 -3.46 6.99
N PHE A 1389 10.98 -4.40 6.09
CA PHE A 1389 10.77 -4.13 4.69
C PHE A 1389 9.31 -3.89 4.37
N GLN A 1390 8.42 -4.70 4.95
CA GLN A 1390 6.99 -4.54 4.69
C GLN A 1390 6.50 -3.20 5.21
N ILE A 1391 7.00 -2.79 6.37
CA ILE A 1391 6.64 -1.53 7.03
C ILE A 1391 7.11 -0.27 6.32
N THR A 1392 8.11 -0.40 5.45
CA THR A 1392 8.63 0.74 4.71
C THR A 1392 7.57 1.39 3.84
N THR A 1393 6.71 0.58 3.23
CA THR A 1393 5.62 1.05 2.39
C THR A 1393 4.33 1.22 3.18
N SER A 1394 4.43 1.02 4.49
CA SER A 1394 3.40 1.15 5.55
C SER A 1394 2.43 0.00 5.63
N ALA A 1395 2.61 -1.00 4.79
CA ALA A 1395 1.71 -2.12 4.82
C ALA A 1395 1.94 -2.86 6.10
N GLY A 1396 0.87 -3.22 6.79
CA GLY A 1396 1.00 -4.00 7.99
C GLY A 1396 1.60 -3.35 9.21
N TRP A 1397 1.74 -2.02 9.23
CA TRP A 1397 2.29 -1.35 10.40
C TRP A 1397 1.36 -1.48 11.59
N ASP A 1398 0.06 -1.47 11.35
CA ASP A 1398 -0.91 -1.66 12.39
C ASP A 1398 -0.78 -3.02 13.04
N GLY A 1399 -0.53 -4.06 12.25
CA GLY A 1399 -0.39 -5.40 12.76
C GLY A 1399 0.82 -5.58 13.63
N LEU A 1400 1.96 -5.05 13.20
CA LEU A 1400 3.19 -5.19 13.97
C LEU A 1400 3.12 -4.47 15.29
N LEU A 1401 2.53 -3.29 15.28
CA LEU A 1401 2.39 -2.48 16.47
C LEU A 1401 1.56 -3.09 17.58
N SER A 1402 0.51 -3.81 17.24
CA SER A 1402 -0.41 -4.32 18.27
C SER A 1402 0.15 -5.21 19.38
N PRO A 1403 1.02 -6.18 19.06
CA PRO A 1403 1.59 -6.98 20.14
C PRO A 1403 2.47 -6.13 21.04
N ILE A 1404 3.21 -5.20 20.44
CA ILE A 1404 4.09 -4.33 21.19
C ILE A 1404 3.31 -3.50 22.17
N LEU A 1405 2.17 -2.98 21.74
CA LEU A 1405 1.35 -2.12 22.59
C LEU A 1405 0.78 -2.77 23.84
N ASN A 1406 0.29 -4.00 23.76
CA ASN A 1406 -0.33 -4.56 24.95
C ASN A 1406 0.57 -4.96 26.12
N THR A 1407 0.17 -4.53 27.31
CA THR A 1407 0.89 -4.86 28.53
C THR A 1407 -0.09 -5.38 29.55
N GLY A 1408 0.20 -6.54 30.11
CA GLY A 1408 -0.65 -7.14 31.12
C GLY A 1408 -1.73 -8.01 30.53
N PRO A 1409 -2.25 -8.93 31.34
CA PRO A 1409 -3.32 -9.85 30.93
C PRO A 1409 -4.65 -9.12 30.84
N PRO A 1410 -5.64 -9.69 30.15
CA PRO A 1410 -5.76 -11.01 29.52
C PRO A 1410 -4.88 -11.35 28.32
N TYR A 1411 -4.71 -10.44 27.36
CA TYR A 1411 -3.94 -10.77 26.17
C TYR A 1411 -2.45 -11.08 26.36
N CYS A 1412 -1.76 -10.32 27.19
CA CYS A 1412 -0.31 -10.54 27.39
C CYS A 1412 0.06 -11.24 28.71
N ASP A 1413 1.35 -11.48 28.91
CA ASP A 1413 1.82 -12.10 30.15
C ASP A 1413 2.89 -11.22 30.80
N PRO A 1414 2.64 -10.75 32.02
CA PRO A 1414 3.63 -9.85 32.65
C PRO A 1414 4.99 -10.46 32.93
N ASN A 1415 5.03 -11.68 33.48
CA ASN A 1415 6.29 -12.31 33.83
C ASN A 1415 6.44 -13.74 33.32
N LEU A 1416 7.13 -13.91 32.20
CA LEU A 1416 7.37 -15.24 31.64
C LEU A 1416 8.86 -15.44 31.55
N PRO A 1417 9.37 -16.57 32.04
CA PRO A 1417 10.83 -16.67 31.98
C PRO A 1417 11.33 -16.68 30.54
N ASN A 1418 12.40 -15.96 30.29
CA ASN A 1418 12.98 -15.94 28.96
C ASN A 1418 14.46 -16.29 29.05
N SER A 1419 15.05 -16.74 27.95
CA SER A 1419 16.46 -17.11 27.94
C SER A 1419 17.32 -15.90 28.27
N ASN A 1420 16.99 -14.76 27.68
CA ASN A 1420 17.71 -13.53 27.99
C ASN A 1420 17.17 -12.94 29.29
N GLY A 1421 17.89 -11.96 29.84
CA GLY A 1421 17.47 -11.37 31.09
C GLY A 1421 16.10 -10.73 30.96
N SER A 1422 15.84 -10.06 29.84
CA SER A 1422 14.52 -9.48 29.60
C SER A 1422 13.45 -10.51 29.94
N ARG A 1423 12.62 -10.22 30.93
CA ARG A 1423 11.61 -11.17 31.39
C ARG A 1423 10.19 -10.86 30.92
N GLY A 1424 9.50 -11.89 30.45
CA GLY A 1424 8.13 -11.76 29.98
C GLY A 1424 8.07 -11.51 28.50
N ASN A 1425 6.95 -11.87 27.88
CA ASN A 1425 6.78 -11.69 26.44
C ASN A 1425 6.10 -10.38 26.06
N CYS A 1426 5.77 -9.56 27.04
CA CYS A 1426 5.12 -8.28 26.76
C CYS A 1426 6.08 -7.30 26.09
N GLY A 1427 5.53 -6.34 25.37
CA GLY A 1427 6.32 -5.35 24.68
C GLY A 1427 6.09 -4.02 25.35
N SER A 1428 7.04 -3.11 25.26
CA SER A 1428 6.87 -1.81 25.92
C SER A 1428 6.18 -0.81 25.00
N PRO A 1429 5.04 -0.30 25.45
CA PRO A 1429 4.23 0.65 24.69
C PRO A 1429 4.86 2.00 24.38
N ALA A 1430 5.54 2.61 25.33
CA ALA A 1430 6.12 3.92 25.05
C ALA A 1430 7.13 3.81 23.94
N VAL A 1431 8.00 2.81 24.04
CA VAL A 1431 8.98 2.59 22.99
C VAL A 1431 8.36 2.07 21.70
N GLY A 1432 7.38 1.17 21.82
CA GLY A 1432 6.77 0.59 20.66
C GLY A 1432 6.10 1.61 19.80
N ILE A 1433 5.34 2.52 20.40
CA ILE A 1433 4.69 3.58 19.66
C ILE A 1433 5.74 4.49 19.05
N LEU A 1434 6.77 4.78 19.84
CA LEU A 1434 7.86 5.61 19.40
C LEU A 1434 8.62 4.97 18.25
N PHE A 1435 8.87 3.66 18.33
CA PHE A 1435 9.63 2.99 17.29
C PHE A 1435 8.98 2.95 15.92
N PHE A 1436 7.71 2.53 15.87
CA PHE A 1436 6.97 2.46 14.60
C PHE A 1436 6.54 3.77 13.99
N THR A 1437 6.02 4.68 14.81
CA THR A 1437 5.56 5.97 14.29
C THR A 1437 6.69 6.79 13.70
N THR A 1438 7.84 6.79 14.36
CA THR A 1438 8.99 7.51 13.82
C THR A 1438 9.42 6.83 12.55
N TYR A 1439 9.44 5.51 12.55
CA TYR A 1439 9.86 4.75 11.38
C TYR A 1439 8.92 4.97 10.21
N ILE A 1440 7.63 4.97 10.47
CA ILE A 1440 6.67 5.18 9.40
C ILE A 1440 6.89 6.55 8.81
N ILE A 1441 7.09 7.55 9.66
CA ILE A 1441 7.32 8.92 9.19
C ILE A 1441 8.67 9.08 8.51
N ILE A 1442 9.71 8.49 9.07
CA ILE A 1442 11.04 8.65 8.50
C ILE A 1442 11.08 8.07 7.10
N SER A 1443 10.48 6.91 6.91
CA SER A 1443 10.44 6.30 5.59
C SER A 1443 9.65 7.19 4.66
N PHE A 1444 8.55 7.75 5.15
CA PHE A 1444 7.71 8.57 4.31
C PHE A 1444 8.48 9.80 3.83
N LEU A 1445 9.21 10.45 4.73
CA LEU A 1445 10.00 11.59 4.34
C LEU A 1445 11.11 11.20 3.38
N ILE A 1446 11.77 10.08 3.63
CA ILE A 1446 12.85 9.63 2.76
C ILE A 1446 12.30 9.34 1.38
N VAL A 1447 11.14 8.69 1.29
CA VAL A 1447 10.65 8.35 -0.03
C VAL A 1447 10.00 9.56 -0.68
N VAL A 1448 9.18 10.30 0.04
CA VAL A 1448 8.51 11.42 -0.59
C VAL A 1448 9.45 12.53 -1.00
N ASN A 1449 10.38 12.90 -0.13
CA ASN A 1449 11.29 13.95 -0.51
C ASN A 1449 12.13 13.50 -1.66
N MET A 1450 12.60 12.26 -1.60
CA MET A 1450 13.48 11.85 -2.65
C MET A 1450 12.81 11.55 -3.98
N TYR A 1451 11.59 11.02 -3.97
CA TYR A 1451 10.90 10.86 -5.24
C TYR A 1451 10.62 12.23 -5.83
N ILE A 1452 10.16 13.15 -4.98
CA ILE A 1452 9.89 14.52 -5.42
C ILE A 1452 11.11 15.34 -5.82
N ALA A 1453 12.20 15.25 -5.05
CA ALA A 1453 13.38 16.03 -5.38
C ALA A 1453 13.96 15.61 -6.70
N ILE A 1454 14.00 14.32 -6.94
CA ILE A 1454 14.54 13.79 -8.17
C ILE A 1454 13.69 14.23 -9.35
N ILE A 1455 12.39 14.16 -9.18
CA ILE A 1455 11.46 14.55 -10.23
C ILE A 1455 11.59 16.02 -10.58
N LEU A 1456 11.67 16.87 -9.57
CA LEU A 1456 11.78 18.30 -9.82
C LEU A 1456 13.08 18.61 -10.54
N GLU A 1457 14.15 17.95 -10.11
CA GLU A 1457 15.46 18.14 -10.71
C GLU A 1457 15.49 17.69 -12.15
N ASN A 1458 14.84 16.56 -12.42
CA ASN A 1458 14.80 15.99 -13.76
C ASN A 1458 14.13 16.89 -14.79
N PHE A 1459 13.05 17.55 -14.39
CA PHE A 1459 12.34 18.44 -15.29
C PHE A 1459 12.72 19.90 -15.02
N VAL B 1 10.75 -54.79 -18.19
CA VAL B 1 10.38 -54.25 -16.90
C VAL B 1 10.18 -52.75 -17.05
N ARG B 2 11.03 -51.97 -16.38
CA ARG B 2 11.03 -50.52 -16.46
C ARG B 2 12.36 -50.07 -17.06
N ASP B 3 12.30 -49.44 -18.23
CA ASP B 3 13.48 -49.10 -19.00
C ASP B 3 13.53 -47.59 -19.25
N GLY B 4 14.70 -47.10 -19.60
CA GLY B 4 14.86 -45.67 -19.84
C GLY B 4 16.29 -45.30 -20.19
N TYR B 5 16.52 -43.99 -20.21
CA TYR B 5 17.83 -43.42 -20.45
C TYR B 5 18.76 -43.64 -19.26
N ILE B 6 19.94 -43.05 -19.35
CA ILE B 6 20.84 -42.90 -18.21
C ILE B 6 20.17 -41.98 -17.21
N ALA B 7 19.86 -42.51 -16.03
CA ALA B 7 19.10 -41.75 -15.05
C ALA B 7 20.02 -41.12 -14.01
N GLN B 8 19.44 -40.30 -13.15
CA GLN B 8 20.14 -39.71 -12.02
C GLN B 8 19.15 -39.40 -10.91
N PRO B 9 19.48 -39.73 -9.67
CA PRO B 9 18.55 -39.47 -8.57
C PRO B 9 18.26 -37.97 -8.41
N GLU B 10 17.03 -37.66 -7.96
CA GLU B 10 16.01 -38.64 -7.63
C GLU B 10 15.48 -39.28 -8.89
N ASN B 11 14.96 -38.46 -9.81
CA ASN B 11 14.66 -38.98 -11.15
C ASN B 11 14.85 -37.90 -12.21
N CYS B 12 16.05 -37.86 -12.78
CA CYS B 12 16.34 -37.11 -14.01
C CYS B 12 17.37 -37.92 -14.79
N VAL B 13 18.19 -37.25 -15.60
CA VAL B 13 19.08 -37.94 -16.53
C VAL B 13 20.55 -37.79 -16.15
N TYR B 14 21.43 -38.46 -16.89
CA TYR B 14 22.87 -38.21 -16.87
C TYR B 14 23.28 -37.71 -18.25
N HIS B 15 24.52 -37.23 -18.35
CA HIS B 15 24.93 -36.36 -19.45
C HIS B 15 25.73 -37.14 -20.50
N CYS B 16 25.30 -37.03 -21.75
CA CYS B 16 26.03 -37.53 -22.91
C CYS B 16 26.86 -36.38 -23.51
N PHE B 17 27.42 -36.59 -24.69
CA PHE B 17 28.22 -35.58 -25.38
C PHE B 17 27.98 -35.73 -26.88
N PRO B 18 28.32 -34.69 -27.66
CA PRO B 18 28.19 -34.83 -29.12
C PRO B 18 29.20 -35.81 -29.69
N GLY B 19 28.95 -37.10 -29.46
CA GLY B 19 29.87 -38.13 -29.92
C GLY B 19 29.50 -39.47 -29.33
N SER B 20 30.25 -40.48 -29.73
CA SER B 20 30.02 -41.84 -29.29
C SER B 20 30.64 -42.15 -27.93
N SER B 21 31.70 -41.46 -27.54
CA SER B 21 32.42 -41.76 -26.31
C SER B 21 31.92 -40.98 -25.12
N GLY B 22 30.65 -40.59 -25.10
CA GLY B 22 30.13 -39.73 -24.05
C GLY B 22 30.18 -40.33 -22.66
N CYS B 23 29.30 -41.29 -22.39
CA CYS B 23 29.23 -41.90 -21.07
C CYS B 23 29.04 -43.41 -21.17
N ASP B 24 29.69 -44.05 -22.14
CA ASP B 24 29.49 -45.48 -22.39
C ASP B 24 29.82 -46.30 -21.15
N THR B 25 30.84 -45.88 -20.39
CA THR B 25 31.29 -46.66 -19.24
C THR B 25 30.18 -46.85 -18.22
N LEU B 26 29.59 -45.76 -17.73
CA LEU B 26 28.57 -45.89 -16.68
C LEU B 26 27.38 -46.69 -17.16
N CYS B 27 26.85 -46.40 -18.35
CA CYS B 27 25.60 -47.05 -18.74
C CYS B 27 25.84 -48.52 -19.09
N LYS B 28 27.01 -48.86 -19.64
CA LYS B 28 27.34 -50.26 -19.82
C LYS B 28 27.54 -50.95 -18.47
N GLU B 29 28.01 -50.22 -17.46
CA GLU B 29 28.05 -50.77 -16.11
C GLU B 29 26.65 -51.07 -15.59
N LYS B 30 25.70 -50.17 -15.85
CA LYS B 30 24.33 -50.37 -15.36
C LYS B 30 23.66 -51.58 -16.00
N GLY B 31 24.18 -52.08 -17.12
CA GLY B 31 23.56 -53.22 -17.77
C GLY B 31 22.92 -52.87 -19.09
N GLY B 32 23.55 -51.96 -19.84
CA GLY B 32 23.02 -51.50 -21.11
C GLY B 32 23.73 -52.09 -22.32
N THR B 33 23.03 -52.08 -23.45
CA THR B 33 23.54 -52.63 -24.70
C THR B 33 23.75 -51.59 -25.78
N SER B 34 22.71 -50.81 -26.10
CA SER B 34 22.74 -49.90 -27.23
C SER B 34 23.56 -48.64 -26.91
N GLY B 35 23.58 -47.68 -27.84
CA GLY B 35 24.18 -46.40 -27.54
C GLY B 35 23.79 -45.28 -28.49
N HIS B 36 23.29 -44.19 -27.92
CA HIS B 36 23.06 -42.89 -28.55
C HIS B 36 22.40 -42.02 -27.50
N CYS B 37 22.43 -40.70 -27.71
CA CYS B 37 21.85 -39.81 -26.73
C CYS B 37 20.82 -38.88 -27.36
N GLY B 38 19.66 -38.76 -26.72
CA GLY B 38 18.61 -37.90 -27.23
C GLY B 38 18.05 -37.04 -26.11
N PHE B 39 17.66 -35.82 -26.45
CA PHE B 39 17.17 -34.91 -25.42
C PHE B 39 15.91 -35.42 -24.77
N LYS B 40 15.82 -35.29 -23.46
CA LYS B 40 14.59 -35.67 -22.79
C LYS B 40 13.84 -34.37 -22.64
N VAL B 41 12.65 -34.28 -23.23
CA VAL B 41 11.90 -33.05 -23.18
C VAL B 41 11.69 -32.55 -21.77
N GLY B 42 12.18 -31.35 -21.48
CA GLY B 42 11.96 -30.79 -20.17
C GLY B 42 12.95 -31.24 -19.11
N HIS B 43 13.68 -32.33 -19.35
CA HIS B 43 14.61 -32.86 -18.35
C HIS B 43 16.07 -32.94 -18.83
N GLY B 44 16.31 -32.72 -20.12
CA GLY B 44 17.67 -32.71 -20.66
C GLY B 44 18.25 -33.87 -21.44
N LEU B 45 19.30 -33.60 -22.24
CA LEU B 45 19.93 -34.64 -23.06
C LEU B 45 20.30 -35.91 -22.30
N ALA B 46 19.96 -37.07 -22.85
CA ALA B 46 20.24 -38.33 -22.17
C ALA B 46 20.61 -39.40 -23.18
N CYS B 47 21.44 -40.35 -22.75
CA CYS B 47 21.99 -41.40 -23.60
C CYS B 47 21.37 -42.75 -23.26
N TRP B 48 20.51 -43.25 -24.14
CA TRP B 48 19.79 -44.50 -23.91
C TRP B 48 20.64 -45.68 -24.33
N CYS B 49 20.90 -46.59 -23.39
CA CYS B 49 21.32 -47.94 -23.70
C CYS B 49 20.34 -48.91 -23.05
N ASN B 50 19.90 -49.88 -23.84
CA ASN B 50 18.66 -50.61 -23.61
C ASN B 50 18.86 -51.78 -22.66
N ALA B 51 17.75 -52.49 -22.41
CA ALA B 51 17.73 -53.71 -21.59
C ALA B 51 18.13 -53.41 -20.15
N LEU B 52 17.54 -52.36 -19.59
CA LEU B 52 17.84 -52.02 -18.20
C LEU B 52 16.77 -52.58 -17.26
N PRO B 53 17.18 -53.34 -16.25
CA PRO B 53 16.24 -53.83 -15.24
C PRO B 53 15.80 -52.70 -14.31
N ASP B 54 15.13 -53.09 -13.23
CA ASP B 54 14.76 -52.13 -12.19
C ASP B 54 15.84 -51.93 -11.14
N ASN B 55 17.03 -52.51 -11.32
CA ASN B 55 18.09 -52.36 -10.32
C ASN B 55 18.61 -50.92 -10.28
N VAL B 56 18.99 -50.36 -11.43
CA VAL B 56 19.34 -48.96 -11.51
C VAL B 56 18.15 -48.16 -12.05
N GLY B 57 18.12 -46.87 -11.72
CA GLY B 57 16.99 -46.02 -12.05
C GLY B 57 16.89 -45.68 -13.53
N ILE B 58 15.74 -45.14 -13.90
CA ILE B 58 15.44 -44.81 -15.29
C ILE B 58 14.78 -43.44 -15.35
N ILE B 59 14.30 -43.09 -16.54
CA ILE B 59 13.51 -41.88 -16.75
C ILE B 59 12.05 -42.16 -16.38
N VAL B 60 11.55 -41.46 -15.36
CA VAL B 60 10.18 -41.64 -14.88
C VAL B 60 9.45 -40.30 -15.02
N GLU B 61 8.22 -40.36 -15.53
CA GLU B 61 7.45 -39.19 -15.88
C GLU B 61 6.25 -39.01 -14.93
N GLY B 62 5.57 -37.87 -15.08
CA GLY B 62 4.27 -37.61 -14.48
C GLY B 62 4.05 -36.27 -13.79
N GLU B 63 5.03 -35.76 -13.05
CA GLU B 63 4.90 -34.46 -12.39
C GLU B 63 6.01 -33.48 -12.78
N LYS B 64 7.27 -33.91 -12.65
CA LYS B 64 8.45 -33.12 -12.89
C LYS B 64 9.65 -34.04 -12.71
N CYS B 65 10.86 -33.56 -12.97
CA CYS B 65 12.05 -34.34 -12.62
C CYS B 65 12.62 -33.62 -11.40
N HIS B 66 12.32 -34.17 -10.24
CA HIS B 66 12.45 -33.51 -8.96
C HIS B 66 13.63 -34.08 -8.17
N SER B 67 13.84 -33.50 -6.99
CA SER B 67 14.86 -33.98 -6.08
C SER B 67 14.23 -34.64 -4.86
#